data_6EPK
#
_entry.id   6EPK
#
_cell.length_a   99.880
_cell.length_b   99.880
_cell.length_c   238.824
_cell.angle_alpha   90.00
_cell.angle_beta   90.00
_cell.angle_gamma   90.00
#
_symmetry.space_group_name_H-M   'P 41'
#
loop_
_entity.id
_entity.type
_entity.pdbx_description
1 polymer 'Envelope protein E'
2 polymer 'Precursor Membrane Protein'
3 branched 2-acetamido-2-deoxy-beta-D-glucopyranose-(1-4)-2-acetamido-2-deoxy-beta-D-glucopyranose
4 branched alpha-D-mannopyranose-(1-3)-[alpha-D-mannopyranose-(1-6)]beta-D-mannopyranose-(1-4)-2-acetamido-2-deoxy-beta-D-glucopyranose-(1-4)-[alpha-L-fucopyranose-(1-6)]2-acetamido-2-deoxy-beta-D-glucopyranose
5 branched beta-D-mannopyranose-(1-4)-2-acetamido-2-deoxy-beta-D-glucopyranose-(1-4)-2-acetamido-2-deoxy-beta-D-glucopyranose
6 non-polymer 'SULFATE ION'
7 non-polymer GLYCEROL
8 water water
#
loop_
_entity_poly.entity_id
_entity_poly.type
_entity_poly.pdbx_seq_one_letter_code
_entity_poly.pdbx_strand_id
1 'polypeptide(L)'
;AHCIGITDRDFIEGVHGGTWVSATLEQDKCVTVMAPDKPSLDISLETVAIDGPAEARKVCYNAVLTHVKINDKCPSTGEA
HLAEENEGDNACKRTYSDRGWGNGCGLFGKGSIVACAKFTCAKSMSLFEVDQTKIQYVIRAQLHVGAKQENWNTDIKTLK
FDALSGSQEAEFTGYGKATLECQVQTAVDFGNSYIAEMEKESWIVDRQWAQDLTLPWQSGSGGVWREMHHLVEFEPPHAA
TIRVLALGNQEGSLKTALTGAMRVTKDTNDNNLYKLHGGHVSCRVKLSALTLKGTSYKMCTDKMSFVKNPTDTGHGTVVM
QVKVPKGAPCKIPVIVADDLTAAINKGILVTVNPIASTNDDEVLIEVNPPFGDSYIIVGTGDSRLTYQWHKEDDDDKAGW
SHPQFEKGGGSGGGSGGGSWSHPQFEK
;
A,D
2 'polypeptide(L)'
;VTLVRKNRWLLLNVTSEDLGKTFSVGTGNCTTNILEAKYWCPDSMEYNCPNLSPREEPDDIDCWCYGVENVRVAYGKCDS
AGRSRRSRR
;
B,E
#
loop_
_chem_comp.id
_chem_comp.type
_chem_comp.name
_chem_comp.formula
BMA D-saccharide, beta linking beta-D-mannopyranose 'C6 H12 O6'
FUC L-saccharide, alpha linking alpha-L-fucopyranose 'C6 H12 O5'
GOL non-polymer GLYCEROL 'C3 H8 O3'
MAN D-saccharide, alpha linking alpha-D-mannopyranose 'C6 H12 O6'
NAG D-saccharide, beta linking 2-acetamido-2-deoxy-beta-D-glucopyranose 'C8 H15 N O6'
SO4 non-polymer 'SULFATE ION' 'O4 S -2'
#
# COMPACT_ATOMS: atom_id res chain seq x y z
N ALA A 1 33.32 -14.95 11.06
CA ALA A 1 33.75 -15.55 9.80
C ALA A 1 32.57 -15.75 8.86
N HIS A 2 31.36 -15.75 9.41
CA HIS A 2 30.16 -16.10 8.64
C HIS A 2 29.74 -15.03 7.62
N CYS A 3 30.31 -13.83 7.72
CA CYS A 3 30.01 -12.76 6.76
C CYS A 3 30.36 -13.21 5.34
N ILE A 4 31.34 -14.09 5.24
CA ILE A 4 31.78 -14.61 3.95
C ILE A 4 30.65 -15.38 3.28
N GLY A 5 29.81 -16.03 4.08
CA GLY A 5 28.68 -16.76 3.55
C GLY A 5 27.52 -15.84 3.19
N ILE A 6 27.58 -14.60 3.67
CA ILE A 6 26.52 -13.63 3.44
C ILE A 6 26.87 -12.64 2.33
N THR A 7 25.96 -12.46 1.38
CA THR A 7 26.19 -11.62 0.21
C THR A 7 26.47 -10.15 0.56
N ASP A 8 25.54 -9.51 1.27
CA ASP A 8 25.71 -8.11 1.63
C ASP A 8 26.58 -7.97 2.88
N ARG A 9 27.75 -7.37 2.71
CA ARG A 9 28.73 -7.28 3.79
C ARG A 9 29.32 -5.88 3.87
N ASP A 10 29.70 -5.46 5.07
CA ASP A 10 30.32 -4.16 5.29
C ASP A 10 31.50 -4.28 6.24
N PHE A 11 32.56 -3.52 5.96
CA PHE A 11 33.76 -3.56 6.78
C PHE A 11 33.88 -2.31 7.65
N ILE A 12 33.86 -2.51 8.96
CA ILE A 12 34.13 -1.43 9.89
C ILE A 12 35.60 -1.46 10.25
N GLU A 13 36.25 -0.31 10.15
CA GLU A 13 37.66 -0.21 10.49
C GLU A 13 37.86 0.63 11.74
N GLY A 14 38.61 0.09 12.70
CA GLY A 14 38.93 0.82 13.91
C GLY A 14 40.29 1.48 13.81
N VAL A 15 40.40 2.68 14.35
CA VAL A 15 41.67 3.40 14.39
C VAL A 15 42.48 2.97 15.61
N HIS A 16 43.79 2.77 15.41
CA HIS A 16 44.69 2.41 16.50
C HIS A 16 44.64 3.44 17.62
N GLY A 17 44.29 2.97 18.82
CA GLY A 17 44.18 3.85 19.97
C GLY A 17 42.75 3.98 20.44
N GLY A 18 41.82 3.67 19.56
CA GLY A 18 40.40 3.69 19.89
C GLY A 18 39.98 2.40 20.57
N THR A 19 38.87 2.46 21.30
CA THR A 19 38.37 1.29 22.02
C THR A 19 36.96 0.92 21.57
N TRP A 20 36.24 1.88 21.00
CA TRP A 20 34.86 1.67 20.54
C TRP A 20 34.72 1.88 19.03
N VAL A 21 33.77 1.17 18.44
CA VAL A 21 33.37 1.42 17.05
C VAL A 21 31.85 1.39 16.93
N SER A 22 31.32 2.06 15.91
CA SER A 22 29.87 2.07 15.71
C SER A 22 29.50 1.29 14.46
N ALA A 23 28.50 0.41 14.59
CA ALA A 23 28.06 -0.40 13.47
C ALA A 23 26.54 -0.38 13.33
N THR A 24 26.08 -0.33 12.09
CA THR A 24 24.64 -0.38 11.81
C THR A 24 24.30 -1.74 11.23
N LEU A 25 23.52 -2.52 11.97
CA LEU A 25 23.17 -3.87 11.55
C LEU A 25 21.78 -3.94 10.92
N GLU A 26 21.74 -4.18 9.61
CA GLU A 26 20.49 -4.42 8.91
C GLU A 26 20.25 -5.92 8.80
N GLN A 27 18.99 -6.31 8.61
CA GLN A 27 18.66 -7.71 8.46
C GLN A 27 19.18 -8.21 7.12
N ASP A 28 19.58 -9.48 7.09
CA ASP A 28 20.13 -10.13 5.90
C ASP A 28 21.42 -9.46 5.43
N LYS A 29 22.08 -8.76 6.36
CA LYS A 29 23.38 -8.17 6.08
C LYS A 29 24.36 -8.52 7.20
N CYS A 30 25.65 -8.44 6.89
CA CYS A 30 26.68 -8.78 7.85
C CYS A 30 27.71 -7.67 7.94
N VAL A 31 28.39 -7.58 9.08
CA VAL A 31 29.39 -6.55 9.29
C VAL A 31 30.67 -7.12 9.86
N THR A 32 31.79 -6.89 9.17
CA THR A 32 33.08 -7.32 9.66
C THR A 32 33.83 -6.13 10.26
N VAL A 33 34.14 -6.24 11.55
CA VAL A 33 34.80 -5.17 12.28
C VAL A 33 36.28 -5.47 12.49
N MET A 34 37.13 -4.58 12.01
CA MET A 34 38.57 -4.79 12.11
C MET A 34 39.25 -3.70 12.93
N ALA A 35 40.07 -4.13 13.87
CA ALA A 35 40.87 -3.21 14.68
C ALA A 35 42.30 -3.74 14.78
N PRO A 36 43.28 -2.83 14.77
CA PRO A 36 44.70 -3.21 14.86
C PRO A 36 44.98 -4.05 16.11
N ASP A 37 45.71 -5.14 15.94
CA ASP A 37 46.09 -6.05 17.02
C ASP A 37 44.87 -6.69 17.69
N LYS A 38 43.72 -6.62 17.01
CA LYS A 38 42.50 -7.25 17.50
C LYS A 38 41.98 -8.22 16.44
N PRO A 39 41.50 -9.38 16.89
CA PRO A 39 40.89 -10.32 15.94
C PRO A 39 39.64 -9.72 15.30
N SER A 40 39.48 -9.91 14.00
CA SER A 40 38.32 -9.36 13.30
C SER A 40 37.03 -10.00 13.79
N LEU A 41 35.97 -9.20 13.85
CA LEU A 41 34.71 -9.63 14.44
C LEU A 41 33.52 -9.51 13.50
N ASP A 42 32.97 -10.65 13.11
CA ASP A 42 31.74 -10.70 12.32
C ASP A 42 30.51 -10.60 13.20
N ILE A 43 29.71 -9.56 12.98
CA ILE A 43 28.44 -9.43 13.67
C ILE A 43 27.31 -9.27 12.66
N SER A 44 26.18 -9.92 12.93
CA SER A 44 25.05 -9.87 12.01
C SER A 44 23.71 -9.92 12.74
N LEU A 45 22.74 -9.19 12.22
CA LEU A 45 21.41 -9.17 12.81
C LEU A 45 20.58 -10.35 12.32
N GLU A 46 20.26 -11.26 13.23
CA GLU A 46 19.50 -12.45 12.85
C GLU A 46 18.02 -12.14 12.72
N THR A 47 17.38 -11.91 13.85
CA THR A 47 15.94 -11.62 13.86
C THR A 47 15.59 -10.45 14.78
N VAL A 48 14.57 -9.70 14.39
CA VAL A 48 13.99 -8.66 15.23
C VAL A 48 12.52 -8.97 15.43
N ALA A 49 12.15 -9.32 16.66
CA ALA A 49 10.81 -9.83 16.91
C ALA A 49 10.21 -9.34 18.23
N ILE A 50 8.91 -9.55 18.37
CA ILE A 50 8.22 -9.26 19.61
C ILE A 50 7.65 -10.56 20.17
N ASP A 51 7.91 -10.81 21.45
CA ASP A 51 7.48 -12.05 22.09
C ASP A 51 6.38 -11.82 23.11
N GLY A 52 5.28 -12.56 22.94
CA GLY A 52 4.12 -12.46 23.81
C GLY A 52 3.53 -11.06 23.93
N PRO A 53 3.05 -10.50 22.81
CA PRO A 53 2.39 -9.19 22.93
C PRO A 53 0.96 -9.34 23.44
N ALA A 54 0.58 -8.50 24.40
CA ALA A 54 -0.76 -8.56 24.98
C ALA A 54 -1.82 -8.30 23.91
N GLU A 55 -2.86 -9.12 23.91
CA GLU A 55 -3.95 -8.98 22.95
C GLU A 55 -4.91 -7.87 23.38
N ALA A 56 -5.02 -6.84 22.56
CA ALA A 56 -5.86 -5.68 22.85
C ALA A 56 -7.30 -5.93 22.43
N ARG A 57 -7.48 -6.43 21.21
CA ARG A 57 -8.81 -6.61 20.64
C ARG A 57 -8.94 -7.88 19.81
N LYS A 58 -10.18 -8.20 19.47
CA LYS A 58 -10.47 -9.21 18.46
C LYS A 58 -11.53 -8.65 17.54
N VAL A 59 -11.38 -8.82 16.23
CA VAL A 59 -12.37 -8.26 15.31
C VAL A 59 -12.99 -9.31 14.43
N CYS A 60 -14.23 -9.68 14.74
CA CYS A 60 -14.96 -10.68 13.98
C CYS A 60 -15.26 -10.18 12.57
N TYR A 61 -14.82 -10.93 11.56
CA TYR A 61 -15.14 -10.61 10.18
C TYR A 61 -16.04 -11.67 9.56
N ASN A 62 -16.23 -12.77 10.29
CA ASN A 62 -17.18 -13.78 9.86
C ASN A 62 -18.05 -14.25 11.04
N ALA A 63 -19.34 -13.94 10.96
CA ALA A 63 -20.27 -14.24 12.03
C ALA A 63 -21.31 -15.28 11.63
N VAL A 64 -21.85 -15.98 12.62
CA VAL A 64 -22.88 -16.98 12.39
C VAL A 64 -24.09 -16.72 13.25
N LEU A 65 -25.25 -16.60 12.62
CA LEU A 65 -26.49 -16.32 13.33
C LEU A 65 -27.34 -17.56 13.52
N THR A 66 -27.81 -17.77 14.74
CA THR A 66 -28.64 -18.92 15.04
C THR A 66 -29.83 -18.51 15.89
N HIS A 67 -30.89 -19.31 15.84
CA HIS A 67 -32.08 -19.11 16.67
C HIS A 67 -32.61 -17.68 16.61
N VAL A 68 -33.32 -17.36 15.54
CA VAL A 68 -33.86 -16.01 15.36
C VAL A 68 -35.27 -15.93 15.94
N LYS A 69 -35.46 -15.00 16.87
CA LYS A 69 -36.76 -14.80 17.50
C LYS A 69 -37.33 -13.44 17.11
N ILE A 70 -38.63 -13.41 16.82
CA ILE A 70 -39.27 -12.16 16.45
C ILE A 70 -40.59 -11.97 17.20
N ASN A 71 -40.74 -10.83 17.86
CA ASN A 71 -41.99 -10.55 18.56
C ASN A 71 -42.62 -9.26 18.06
N ASP A 72 -43.94 -9.15 18.17
CA ASP A 72 -44.63 -7.98 17.65
C ASP A 72 -45.88 -7.65 18.47
N LYS A 73 -46.31 -6.40 18.33
CA LYS A 73 -47.54 -5.93 18.97
C LYS A 73 -48.27 -4.94 18.07
N CYS A 74 -49.59 -5.05 18.07
CA CYS A 74 -50.45 -4.16 17.28
C CYS A 74 -50.24 -2.70 17.70
N PRO A 75 -50.52 -1.75 16.79
CA PRO A 75 -50.36 -0.33 17.10
C PRO A 75 -51.07 0.09 18.38
N SER A 76 -50.41 0.95 19.16
CA SER A 76 -50.98 1.50 20.39
C SER A 76 -51.32 0.42 21.43
N THR A 77 -50.58 -0.69 21.40
CA THR A 77 -50.77 -1.75 22.38
C THR A 77 -49.50 -1.98 23.18
N GLY A 78 -48.49 -1.17 22.92
CA GLY A 78 -47.24 -1.23 23.66
C GLY A 78 -46.09 -1.76 22.83
N GLU A 79 -44.88 -1.59 23.36
CA GLU A 79 -43.68 -2.07 22.68
C GLU A 79 -43.55 -3.59 22.84
N ALA A 80 -43.03 -4.24 21.82
CA ALA A 80 -42.84 -5.69 21.85
C ALA A 80 -41.45 -6.04 22.35
N HIS A 81 -41.35 -7.08 23.18
CA HIS A 81 -40.06 -7.41 23.80
C HIS A 81 -39.71 -8.90 23.70
N LEU A 82 -38.41 -9.18 23.82
CA LEU A 82 -37.90 -10.54 23.85
C LEU A 82 -36.90 -10.70 25.00
N ALA A 83 -36.85 -11.89 25.59
CA ALA A 83 -35.91 -12.17 26.68
C ALA A 83 -34.47 -12.08 26.19
N GLU A 84 -34.27 -12.34 24.90
CA GLU A 84 -32.94 -12.31 24.28
C GLU A 84 -32.32 -10.92 24.31
N GLU A 85 -33.18 -9.90 24.38
CA GLU A 85 -32.73 -8.52 24.45
C GLU A 85 -31.85 -8.31 25.68
N ASN A 86 -32.09 -9.13 26.71
CA ASN A 86 -31.30 -9.07 27.93
C ASN A 86 -30.09 -10.00 27.84
N GLU A 87 -30.10 -10.88 26.85
CA GLU A 87 -29.00 -11.82 26.65
C GLU A 87 -27.90 -11.17 25.82
N GLY A 88 -26.70 -11.10 26.39
CA GLY A 88 -25.59 -10.41 25.78
C GLY A 88 -25.04 -11.04 24.53
N ASP A 89 -25.32 -12.33 24.33
CA ASP A 89 -24.83 -13.05 23.16
C ASP A 89 -25.81 -12.91 21.99
N ASN A 90 -26.73 -11.96 22.11
CA ASN A 90 -27.75 -11.76 21.08
C ASN A 90 -27.69 -10.36 20.46
N ALA A 91 -27.74 -10.32 19.13
CA ALA A 91 -27.86 -9.07 18.41
C ALA A 91 -29.33 -8.80 18.11
N CYS A 92 -29.81 -7.64 18.52
CA CYS A 92 -31.23 -7.32 18.40
C CYS A 92 -31.48 -6.03 17.63
N LYS A 93 -32.68 -5.91 17.07
CA LYS A 93 -33.13 -4.68 16.45
C LYS A 93 -34.60 -4.43 16.74
N ARG A 94 -34.89 -3.21 17.17
CA ARG A 94 -36.26 -2.77 17.41
C ARG A 94 -36.72 -1.85 16.29
N THR A 95 -37.89 -2.13 15.75
CA THR A 95 -38.46 -1.30 14.69
C THR A 95 -39.97 -1.46 14.65
N TYR A 96 -40.59 -1.02 13.56
CA TYR A 96 -42.04 -1.08 13.45
C TYR A 96 -42.47 -1.59 12.08
N SER A 97 -43.62 -2.23 12.04
CA SER A 97 -44.15 -2.77 10.80
C SER A 97 -45.55 -2.23 10.56
N ASP A 98 -45.97 -2.19 9.30
CA ASP A 98 -47.31 -1.76 8.96
C ASP A 98 -48.33 -2.82 9.36
N ARG A 99 -49.28 -2.44 10.21
CA ARG A 99 -50.27 -3.36 10.74
C ARG A 99 -51.69 -2.84 10.53
N GLY A 100 -52.64 -3.77 10.58
CA GLY A 100 -54.05 -3.44 10.46
C GLY A 100 -54.87 -4.68 10.12
N TRP A 101 -56.03 -4.47 9.53
CA TRP A 101 -56.87 -5.58 9.05
C TRP A 101 -56.11 -6.35 7.98
N GLY A 102 -55.92 -7.65 8.23
CA GLY A 102 -55.14 -8.49 7.34
C GLY A 102 -54.03 -9.18 8.10
N ASN A 103 -53.61 -8.57 9.20
CA ASN A 103 -52.64 -9.19 10.09
C ASN A 103 -53.13 -9.22 11.54
N GLY A 104 -54.44 -9.10 11.71
CA GLY A 104 -55.06 -9.32 13.00
C GLY A 104 -54.99 -8.15 13.97
N CYS A 105 -54.88 -6.94 13.43
CA CYS A 105 -54.85 -5.74 14.26
C CYS A 105 -56.06 -4.86 13.99
N GLY A 106 -56.70 -4.41 15.06
CA GLY A 106 -57.90 -3.60 14.94
C GLY A 106 -57.61 -2.16 14.58
N LEU A 107 -56.33 -1.80 14.58
CA LEU A 107 -55.93 -0.44 14.24
C LEU A 107 -54.92 -0.44 13.11
N PHE A 108 -55.07 0.48 12.16
CA PHE A 108 -54.15 0.62 11.05
C PHE A 108 -53.02 1.58 11.39
N GLY A 109 -51.78 1.09 11.39
CA GLY A 109 -50.64 1.94 11.67
C GLY A 109 -49.39 1.17 12.02
N LYS A 110 -48.39 1.87 12.54
CA LYS A 110 -47.13 1.23 12.91
C LYS A 110 -47.25 0.43 14.20
N GLY A 111 -47.04 -0.87 14.08
CA GLY A 111 -47.05 -1.76 15.23
C GLY A 111 -45.63 -2.17 15.58
N SER A 112 -45.36 -2.33 16.87
CA SER A 112 -44.01 -2.67 17.32
C SER A 112 -43.57 -4.03 16.82
N ILE A 113 -42.28 -4.16 16.50
CA ILE A 113 -41.70 -5.45 16.14
C ILE A 113 -40.21 -5.46 16.46
N VAL A 114 -39.76 -6.56 17.06
CA VAL A 114 -38.37 -6.71 17.48
C VAL A 114 -37.80 -8.06 17.02
N ALA A 115 -36.55 -8.04 16.58
CA ALA A 115 -35.88 -9.28 16.16
C ALA A 115 -34.59 -9.48 16.93
N CYS A 116 -34.36 -10.69 17.43
CA CYS A 116 -33.12 -11.02 18.11
C CYS A 116 -32.50 -12.27 17.50
N ALA A 117 -31.17 -12.32 17.47
CA ALA A 117 -30.48 -13.48 16.92
C ALA A 117 -29.23 -13.81 17.73
N LYS A 118 -28.99 -15.10 17.96
CA LYS A 118 -27.82 -15.52 18.71
C LYS A 118 -26.58 -15.35 17.85
N PHE A 119 -25.68 -14.48 18.32
CA PHE A 119 -24.48 -14.12 17.59
C PHE A 119 -23.30 -14.99 17.99
N THR A 120 -22.71 -15.68 17.01
CA THR A 120 -21.50 -16.44 17.24
C THR A 120 -20.45 -16.02 16.20
N CYS A 121 -19.25 -15.70 16.66
CA CYS A 121 -18.20 -15.29 15.73
C CYS A 121 -17.43 -16.48 15.19
N ALA A 122 -17.65 -16.77 13.91
CA ALA A 122 -16.97 -17.88 13.25
C ALA A 122 -15.48 -17.59 13.09
N LYS A 123 -15.16 -16.43 12.53
CA LYS A 123 -13.76 -16.06 12.33
C LYS A 123 -13.52 -14.58 12.68
N SER A 124 -12.48 -14.35 13.47
CA SER A 124 -12.13 -13.00 13.92
C SER A 124 -10.66 -12.70 13.70
N MET A 125 -10.34 -11.42 13.60
CA MET A 125 -8.97 -10.96 13.45
C MET A 125 -8.43 -10.47 14.79
N SER A 126 -7.24 -10.95 15.17
CA SER A 126 -6.66 -10.55 16.44
C SER A 126 -5.84 -9.26 16.30
N LEU A 127 -5.89 -8.43 17.34
CA LEU A 127 -5.11 -7.19 17.35
C LEU A 127 -4.25 -7.12 18.60
N PHE A 128 -2.94 -7.09 18.41
CA PHE A 128 -2.01 -7.13 19.54
C PHE A 128 -1.36 -5.78 19.81
N GLU A 129 -1.21 -5.47 21.09
CA GLU A 129 -0.46 -4.30 21.52
C GLU A 129 1.02 -4.62 21.49
N VAL A 130 1.79 -3.81 20.77
CA VAL A 130 3.21 -4.03 20.66
C VAL A 130 3.98 -3.11 21.60
N ASP A 131 4.59 -3.71 22.62
CA ASP A 131 5.34 -2.97 23.61
C ASP A 131 6.75 -2.70 23.15
N GLN A 132 7.13 -1.43 23.11
CA GLN A 132 8.46 -1.02 22.67
C GLN A 132 9.56 -1.70 23.48
N THR A 133 9.30 -1.88 24.77
CA THR A 133 10.29 -2.45 25.67
C THR A 133 10.42 -3.97 25.52
N LYS A 134 9.32 -4.63 25.21
CA LYS A 134 9.31 -6.09 25.08
C LYS A 134 9.89 -6.54 23.74
N ILE A 135 10.26 -5.58 22.91
CA ILE A 135 10.85 -5.87 21.60
C ILE A 135 12.18 -6.57 21.75
N GLN A 136 12.29 -7.77 21.17
CA GLN A 136 13.51 -8.56 21.26
C GLN A 136 14.23 -8.61 19.92
N TYR A 137 15.57 -8.65 19.96
CA TYR A 137 16.34 -8.80 18.74
C TYR A 137 17.63 -9.58 19.01
N VAL A 138 17.95 -10.48 18.08
CA VAL A 138 19.05 -11.42 18.26
C VAL A 138 20.21 -11.13 17.30
N ILE A 139 21.42 -11.13 17.83
CA ILE A 139 22.60 -10.85 17.01
C ILE A 139 23.65 -11.98 17.09
N ARG A 140 24.07 -12.44 15.92
CA ARG A 140 25.12 -13.45 15.82
C ARG A 140 26.50 -12.79 15.84
N ALA A 141 27.42 -13.34 16.62
CA ALA A 141 28.78 -12.82 16.68
C ALA A 141 29.79 -13.95 16.50
N GLN A 142 30.91 -13.66 15.83
CA GLN A 142 31.93 -14.67 15.56
C GLN A 142 33.27 -14.00 15.28
N LEU A 143 34.37 -14.74 15.45
CA LEU A 143 35.69 -14.18 15.18
C LEU A 143 36.36 -14.85 13.98
N HIS A 144 37.36 -14.17 13.43
CA HIS A 144 38.17 -14.74 12.36
C HIS A 144 39.42 -15.38 12.96
N VAL A 145 39.34 -16.68 13.22
CA VAL A 145 40.38 -17.40 13.95
C VAL A 145 41.08 -18.41 13.06
N GLY A 146 40.38 -18.87 12.02
CA GLY A 146 40.94 -19.83 11.08
C GLY A 146 40.12 -21.10 11.09
N ALA A 147 38.89 -21.01 11.57
CA ALA A 147 38.01 -22.16 11.63
C ALA A 147 37.48 -22.48 10.25
N LYS A 148 37.39 -23.77 9.94
CA LYS A 148 36.77 -24.20 8.70
C LYS A 148 35.30 -23.78 8.71
N GLN A 149 34.70 -23.65 7.52
CA GLN A 149 33.31 -23.25 7.41
C GLN A 149 32.41 -24.21 8.19
N GLU A 150 32.71 -25.51 8.10
CA GLU A 150 31.91 -26.55 8.73
C GLU A 150 31.79 -26.38 10.24
N ASN A 151 32.60 -25.50 10.81
CA ASN A 151 32.62 -25.29 12.26
C ASN A 151 32.02 -23.95 12.69
N TRP A 152 31.74 -23.09 11.71
CA TRP A 152 31.28 -21.74 11.99
C TRP A 152 30.14 -21.66 13.00
N ASN A 153 29.10 -22.47 12.77
CA ASN A 153 27.92 -22.47 13.63
C ASN A 153 28.22 -22.78 15.09
N THR A 154 29.30 -23.50 15.35
CA THR A 154 29.64 -23.85 16.72
C THR A 154 30.48 -22.77 17.39
N ASP A 155 31.06 -21.89 16.56
CA ASP A 155 31.88 -20.80 17.07
C ASP A 155 31.09 -19.50 17.21
N ILE A 156 29.86 -19.51 16.70
CA ILE A 156 29.03 -18.31 16.74
C ILE A 156 28.33 -18.17 18.09
N LYS A 157 28.68 -17.09 18.80
CA LYS A 157 27.99 -16.73 20.03
C LYS A 157 26.71 -15.96 19.69
N THR A 158 25.61 -16.41 20.30
CA THR A 158 24.31 -15.79 20.06
C THR A 158 23.96 -14.81 21.18
N LEU A 159 23.83 -13.54 20.82
CA LEU A 159 23.53 -12.50 21.79
C LEU A 159 22.06 -12.08 21.72
N LYS A 160 21.33 -12.36 22.79
CA LYS A 160 19.91 -12.01 22.84
C LYS A 160 19.72 -10.64 23.47
N PHE A 161 18.88 -9.82 22.84
CA PHE A 161 18.63 -8.47 23.30
C PHE A 161 17.14 -8.16 23.43
N ASP A 162 16.85 -7.20 24.30
CA ASP A 162 15.55 -6.54 24.32
C ASP A 162 15.80 -5.07 24.59
N ALA A 163 14.77 -4.25 24.56
CA ALA A 163 14.93 -2.83 24.86
C ALA A 163 15.33 -2.68 26.32
N LEU A 164 16.42 -1.94 26.55
CA LEU A 164 17.04 -1.81 27.88
C LEU A 164 17.39 -3.19 28.43
N SER A 165 18.21 -3.92 27.68
CA SER A 165 18.70 -5.22 28.13
C SER A 165 20.08 -5.06 28.75
N GLY A 166 20.67 -3.88 28.56
CA GLY A 166 22.04 -3.64 29.00
C GLY A 166 23.00 -4.18 27.97
N SER A 167 24.27 -3.85 28.12
CA SER A 167 25.30 -4.33 27.19
C SER A 167 25.43 -5.85 27.29
N GLN A 168 25.61 -6.50 26.15
CA GLN A 168 25.80 -7.94 26.13
C GLN A 168 27.25 -8.29 25.84
N GLU A 169 27.81 -9.22 26.62
CA GLU A 169 29.19 -9.65 26.42
C GLU A 169 29.27 -10.87 25.52
N ALA A 170 30.22 -10.87 24.61
CA ALA A 170 30.53 -12.02 23.78
C ALA A 170 31.93 -12.51 24.10
N GLU A 171 32.02 -13.60 24.86
CA GLU A 171 33.30 -14.11 25.32
C GLU A 171 33.81 -15.26 24.47
N PHE A 172 34.97 -15.07 23.87
CA PHE A 172 35.61 -16.10 23.06
C PHE A 172 36.83 -16.63 23.79
N THR A 173 36.81 -17.94 24.08
CA THR A 173 37.88 -18.60 24.81
C THR A 173 39.22 -18.49 24.07
N GLY A 174 40.18 -17.85 24.70
CA GLY A 174 41.50 -17.69 24.13
C GLY A 174 41.68 -16.38 23.39
N TYR A 175 40.57 -15.69 23.14
CA TYR A 175 40.62 -14.44 22.40
C TYR A 175 39.95 -13.29 23.15
N GLY A 176 39.55 -13.56 24.38
CA GLY A 176 39.03 -12.52 25.26
C GLY A 176 37.54 -12.34 25.18
N LYS A 177 37.09 -11.09 25.03
CA LYS A 177 35.67 -10.80 24.91
C LYS A 177 35.43 -9.46 24.22
N ALA A 178 34.30 -9.34 23.54
CA ALA A 178 33.88 -8.06 22.97
C ALA A 178 32.57 -7.65 23.63
N THR A 179 32.31 -6.36 23.73
CA THR A 179 31.08 -5.94 24.39
C THR A 179 30.19 -5.12 23.48
N LEU A 180 28.89 -5.41 23.50
CA LEU A 180 27.95 -4.73 22.60
C LEU A 180 26.85 -3.96 23.33
N GLU A 181 26.82 -2.66 23.11
CA GLU A 181 25.72 -1.81 23.55
C GLU A 181 24.82 -1.49 22.38
N CYS A 182 23.69 -2.18 22.28
CA CYS A 182 22.82 -2.06 21.13
C CYS A 182 21.52 -1.34 21.43
N GLN A 183 21.03 -0.63 20.42
CA GLN A 183 19.76 0.05 20.50
C GLN A 183 18.97 -0.25 19.23
N VAL A 184 17.77 -0.80 19.40
CA VAL A 184 16.97 -1.25 18.27
C VAL A 184 16.16 -0.09 17.72
N GLN A 185 16.20 0.07 16.40
CA GLN A 185 15.39 1.08 15.73
C GLN A 185 14.41 0.40 14.78
N THR A 186 13.13 0.58 15.07
CA THR A 186 12.06 -0.02 14.28
C THR A 186 11.56 0.94 13.22
N ALA A 187 11.06 0.39 12.12
CA ALA A 187 10.52 1.19 11.03
C ALA A 187 9.18 1.82 11.39
N VAL A 188 8.49 1.23 12.36
CA VAL A 188 7.13 1.64 12.69
C VAL A 188 6.97 2.20 14.10
N ASP A 189 6.23 3.31 14.21
CA ASP A 189 5.84 3.85 15.49
C ASP A 189 4.77 2.95 16.11
N PHE A 190 5.04 2.44 17.31
CA PHE A 190 4.16 1.48 17.94
C PHE A 190 3.21 2.12 18.94
N GLY A 191 3.25 3.45 19.03
CA GLY A 191 2.33 4.19 19.87
C GLY A 191 0.98 4.32 19.19
N ASN A 192 0.98 4.15 17.87
CA ASN A 192 -0.24 4.23 17.07
C ASN A 192 -0.38 3.04 16.13
N SER A 193 0.08 1.88 16.56
CA SER A 193 0.03 0.69 15.70
C SER A 193 -0.33 -0.59 16.46
N TYR A 194 -1.16 -1.41 15.81
CA TYR A 194 -1.50 -2.74 16.29
C TYR A 194 -0.79 -3.79 15.43
N ILE A 195 -0.67 -5.00 15.98
CA ILE A 195 -0.26 -6.15 15.18
C ILE A 195 -1.50 -6.97 14.82
N ALA A 196 -1.89 -6.94 13.55
CA ALA A 196 -3.11 -7.61 13.11
C ALA A 196 -2.82 -9.03 12.66
N GLU A 197 -3.71 -9.95 13.01
CA GLU A 197 -3.56 -11.34 12.62
C GLU A 197 -4.85 -11.95 12.07
N MET A 198 -4.76 -12.46 10.84
CA MET A 198 -5.83 -13.22 10.23
C MET A 198 -5.27 -14.56 9.74
N GLU A 199 -5.84 -15.66 10.21
CA GLU A 199 -5.30 -16.99 9.92
C GLU A 199 -3.79 -17.02 10.22
N LYS A 200 -3.01 -17.46 9.24
CA LYS A 200 -1.56 -17.49 9.38
C LYS A 200 -0.88 -16.14 9.07
N GLU A 201 -1.61 -15.26 8.39
CA GLU A 201 -1.05 -13.98 7.94
C GLU A 201 -1.09 -12.88 9.02
N SER A 202 -0.03 -12.08 9.07
CA SER A 202 0.08 -10.98 10.03
C SER A 202 0.50 -9.68 9.36
N TRP A 203 0.05 -8.56 9.92
CA TRP A 203 0.42 -7.23 9.41
C TRP A 203 0.65 -6.23 10.53
N ILE A 204 1.27 -5.10 10.19
CA ILE A 204 1.34 -3.95 11.07
C ILE A 204 0.29 -2.94 10.63
N VAL A 205 -0.67 -2.66 11.50
CA VAL A 205 -1.78 -1.77 11.13
C VAL A 205 -1.86 -0.54 12.01
N ASP A 206 -2.61 0.46 11.56
CA ASP A 206 -2.84 1.66 12.37
C ASP A 206 -3.95 1.42 13.38
N ARG A 207 -3.75 1.89 14.60
CA ARG A 207 -4.74 1.70 15.67
C ARG A 207 -6.05 2.40 15.38
N GLN A 208 -5.98 3.67 14.98
CA GLN A 208 -7.18 4.45 14.70
C GLN A 208 -8.00 3.83 13.58
N TRP A 209 -7.32 3.34 12.56
CA TRP A 209 -8.00 2.65 11.45
C TRP A 209 -8.72 1.40 11.93
N ALA A 210 -8.05 0.62 12.77
CA ALA A 210 -8.62 -0.63 13.27
C ALA A 210 -9.81 -0.39 14.18
N GLN A 211 -9.74 0.66 15.00
CA GLN A 211 -10.82 0.99 15.90
C GLN A 211 -12.02 1.56 15.14
N ASP A 212 -11.75 2.15 13.97
CA ASP A 212 -12.79 2.77 13.17
C ASP A 212 -13.47 1.78 12.22
N LEU A 213 -13.03 0.53 12.27
CA LEU A 213 -13.64 -0.51 11.43
C LEU A 213 -15.07 -0.78 11.84
N THR A 214 -15.99 -0.68 10.88
CA THR A 214 -17.39 -0.99 11.12
C THR A 214 -17.60 -2.49 11.22
N LEU A 215 -17.08 -3.09 12.29
CA LEU A 215 -17.17 -4.52 12.52
C LEU A 215 -17.25 -4.81 14.01
N PRO A 216 -17.87 -5.94 14.38
CA PRO A 216 -17.95 -6.36 15.78
C PRO A 216 -16.56 -6.55 16.37
N TRP A 217 -16.33 -6.00 17.55
CA TRP A 217 -15.03 -6.11 18.18
C TRP A 217 -15.18 -6.55 19.62
N GLN A 218 -14.15 -7.21 20.14
CA GLN A 218 -14.15 -7.74 21.47
C GLN A 218 -12.94 -7.22 22.23
N SER A 219 -13.16 -6.86 23.49
CA SER A 219 -12.12 -6.31 24.36
C SER A 219 -11.12 -7.38 24.76
N GLY A 220 -10.03 -6.94 25.40
CA GLY A 220 -9.00 -7.85 25.87
C GLY A 220 -9.63 -8.83 26.84
N SER A 221 -9.18 -10.08 26.79
CA SER A 221 -9.66 -11.19 27.62
C SER A 221 -11.02 -11.68 27.12
N GLY A 222 -11.73 -10.86 26.35
CA GLY A 222 -12.96 -11.27 25.71
C GLY A 222 -14.18 -11.33 26.61
N GLY A 223 -15.11 -12.21 26.24
CA GLY A 223 -16.32 -12.43 27.00
C GLY A 223 -17.51 -11.57 26.63
N VAL A 224 -17.29 -10.55 25.80
CA VAL A 224 -18.38 -9.69 25.33
C VAL A 224 -18.15 -9.20 23.91
N TRP A 225 -19.14 -9.32 23.03
CA TRP A 225 -19.03 -8.76 21.69
C TRP A 225 -19.79 -7.44 21.55
N ARG A 226 -19.10 -6.41 21.09
CA ARG A 226 -19.71 -5.10 20.90
C ARG A 226 -19.94 -4.81 19.42
N GLU A 227 -20.99 -4.05 19.13
CA GLU A 227 -21.37 -3.70 17.76
C GLU A 227 -21.55 -4.91 16.86
N MET A 228 -22.41 -5.84 17.28
CA MET A 228 -22.71 -7.02 16.47
C MET A 228 -23.45 -6.66 15.20
N HIS A 229 -24.18 -5.55 15.24
CA HIS A 229 -25.05 -5.15 14.13
C HIS A 229 -24.29 -4.90 12.84
N HIS A 230 -22.97 -4.82 12.94
CA HIS A 230 -22.12 -4.61 11.77
C HIS A 230 -22.05 -5.85 10.88
N LEU A 231 -22.32 -7.02 11.45
CA LEU A 231 -22.29 -8.27 10.67
C LEU A 231 -23.65 -8.94 10.64
N VAL A 232 -24.69 -8.18 10.98
CA VAL A 232 -26.04 -8.70 11.00
C VAL A 232 -26.93 -7.84 10.12
N GLU A 233 -27.71 -8.50 9.26
CA GLU A 233 -28.56 -7.77 8.31
C GLU A 233 -30.03 -8.00 8.61
N PHE A 234 -30.70 -6.91 8.98
CA PHE A 234 -32.14 -6.91 9.20
C PHE A 234 -32.83 -6.30 7.98
N GLU A 235 -33.61 -7.11 7.27
CA GLU A 235 -34.36 -6.61 6.12
C GLU A 235 -35.56 -5.81 6.63
N PRO A 236 -36.09 -4.89 5.79
CA PRO A 236 -37.31 -4.16 6.17
C PRO A 236 -38.40 -5.12 6.59
N PRO A 237 -39.06 -4.83 7.72
CA PRO A 237 -39.97 -5.79 8.35
C PRO A 237 -41.26 -6.00 7.58
N HIS A 238 -41.77 -7.23 7.63
CA HIS A 238 -43.14 -7.49 7.23
C HIS A 238 -44.01 -7.38 8.47
N ALA A 239 -45.30 -7.68 8.34
CA ALA A 239 -46.25 -7.47 9.42
C ALA A 239 -45.84 -8.16 10.72
N ALA A 240 -45.38 -9.40 10.64
CA ALA A 240 -45.05 -10.15 11.84
C ALA A 240 -43.73 -10.90 11.72
N THR A 241 -43.00 -10.66 10.64
CA THR A 241 -41.72 -11.33 10.44
C THR A 241 -40.66 -10.40 9.85
N ILE A 242 -39.40 -10.73 10.12
CA ILE A 242 -38.25 -10.00 9.57
C ILE A 242 -37.19 -10.99 9.14
N ARG A 243 -36.69 -10.85 7.92
CA ARG A 243 -35.64 -11.73 7.45
C ARG A 243 -34.29 -11.25 7.97
N VAL A 244 -33.72 -12.02 8.89
CA VAL A 244 -32.42 -11.70 9.46
C VAL A 244 -31.35 -12.63 8.90
N LEU A 245 -30.30 -12.03 8.33
CA LEU A 245 -29.26 -12.83 7.68
C LEU A 245 -27.87 -12.40 8.11
N ALA A 246 -26.98 -13.37 8.28
CA ALA A 246 -25.59 -13.07 8.58
C ALA A 246 -24.94 -12.53 7.33
N LEU A 247 -24.10 -11.51 7.49
CA LEU A 247 -23.46 -10.89 6.35
C LEU A 247 -22.38 -11.79 5.79
N GLY A 248 -21.96 -11.50 4.57
CA GLY A 248 -20.96 -12.31 3.89
C GLY A 248 -19.65 -12.23 4.64
N ASN A 249 -18.80 -13.24 4.46
CA ASN A 249 -17.49 -13.22 5.09
C ASN A 249 -16.72 -12.00 4.61
N GLN A 250 -16.25 -11.20 5.55
CA GLN A 250 -15.58 -9.95 5.23
C GLN A 250 -14.07 -10.16 5.15
N GLU A 251 -13.67 -11.41 5.01
CA GLU A 251 -12.27 -11.79 4.89
C GLU A 251 -11.63 -11.09 3.68
N GLY A 252 -12.31 -11.17 2.55
CA GLY A 252 -11.83 -10.58 1.31
C GLY A 252 -11.64 -9.07 1.39
N SER A 253 -12.65 -8.38 1.92
CA SER A 253 -12.58 -6.94 2.10
C SER A 253 -11.42 -6.55 2.99
N LEU A 254 -11.27 -7.30 4.08
CA LEU A 254 -10.21 -7.05 5.05
C LEU A 254 -8.83 -7.21 4.42
N LYS A 255 -8.63 -8.33 3.72
CA LYS A 255 -7.38 -8.58 3.02
C LYS A 255 -7.08 -7.48 2.00
N THR A 256 -8.12 -7.09 1.26
CA THR A 256 -8.02 -6.02 0.28
C THR A 256 -7.51 -4.74 0.92
N ALA A 257 -8.09 -4.38 2.06
CA ALA A 257 -7.66 -3.20 2.80
C ALA A 257 -6.25 -3.38 3.34
N LEU A 258 -5.87 -4.62 3.60
CA LEU A 258 -4.58 -4.93 4.21
C LEU A 258 -3.45 -5.03 3.20
N THR A 259 -3.79 -5.00 1.92
CA THR A 259 -2.77 -5.00 0.87
C THR A 259 -1.86 -3.78 1.01
N GLY A 260 -2.43 -2.68 1.48
CA GLY A 260 -1.66 -1.47 1.70
C GLY A 260 -1.16 -1.36 3.12
N ALA A 261 -0.55 -2.43 3.61
CA ALA A 261 0.01 -2.45 4.95
C ALA A 261 1.27 -3.33 4.99
N MET A 262 2.20 -3.02 5.88
CA MET A 262 3.41 -3.81 6.00
C MET A 262 3.09 -5.17 6.61
N ARG A 263 3.82 -6.19 6.20
CA ARG A 263 3.52 -7.56 6.62
C ARG A 263 4.49 -8.01 7.71
N VAL A 264 4.03 -8.98 8.51
CA VAL A 264 4.82 -9.52 9.60
C VAL A 264 4.93 -11.04 9.49
N THR A 265 6.13 -11.56 9.73
CA THR A 265 6.33 -13.00 9.69
C THR A 265 6.15 -13.63 11.07
N LYS A 266 5.13 -14.47 11.19
CA LYS A 266 4.88 -15.23 12.40
C LYS A 266 5.91 -16.34 12.50
N ASP A 267 6.47 -16.54 13.69
CA ASP A 267 7.48 -17.59 13.88
C ASP A 267 6.87 -18.97 13.70
N THR A 268 7.60 -19.84 13.02
CA THR A 268 7.10 -21.18 12.74
C THR A 268 6.89 -22.02 14.01
N ASN A 269 7.90 -22.05 14.88
CA ASN A 269 7.83 -22.85 16.10
C ASN A 269 6.90 -22.25 17.16
N ASP A 270 7.00 -20.94 17.36
CA ASP A 270 6.25 -20.32 18.45
C ASP A 270 5.07 -19.51 17.93
N ASN A 271 3.92 -19.72 18.54
CA ASN A 271 2.68 -19.09 18.12
C ASN A 271 2.55 -17.67 18.66
N ASN A 272 3.46 -17.28 19.55
CA ASN A 272 3.41 -15.97 20.19
C ASN A 272 4.52 -15.03 19.74
N LEU A 273 5.45 -15.55 18.95
CA LEU A 273 6.60 -14.76 18.51
C LEU A 273 6.34 -14.16 17.12
N TYR A 274 6.55 -12.86 16.99
CA TYR A 274 6.31 -12.18 15.72
C TYR A 274 7.55 -11.47 15.20
N LYS A 275 8.12 -11.98 14.11
CA LYS A 275 9.33 -11.42 13.52
C LYS A 275 9.04 -10.21 12.64
N LEU A 276 9.71 -9.10 12.93
CA LEU A 276 9.52 -7.86 12.20
C LEU A 276 10.44 -7.74 10.98
N HIS A 277 9.96 -7.05 9.94
CA HIS A 277 10.73 -6.84 8.73
C HIS A 277 11.33 -5.43 8.66
N GLY A 278 12.51 -5.31 8.05
CA GLY A 278 13.11 -4.02 7.76
C GLY A 278 13.69 -3.19 8.88
N GLY A 279 13.56 -3.63 10.12
CA GLY A 279 14.10 -2.88 11.24
C GLY A 279 15.63 -2.96 11.26
N HIS A 280 16.29 -2.00 11.90
CA HIS A 280 17.75 -2.05 11.96
C HIS A 280 18.22 -1.83 13.39
N VAL A 281 19.45 -2.22 13.69
CA VAL A 281 19.98 -2.06 15.04
C VAL A 281 21.27 -1.25 15.07
N SER A 282 21.28 -0.18 15.87
CA SER A 282 22.49 0.63 16.02
C SER A 282 23.31 0.12 17.20
N CYS A 283 24.51 -0.38 16.90
CA CYS A 283 25.35 -0.98 17.93
C CYS A 283 26.66 -0.25 18.16
N ARG A 284 27.06 -0.17 19.43
CA ARG A 284 28.36 0.36 19.83
C ARG A 284 29.19 -0.77 20.42
N VAL A 285 30.34 -1.03 19.81
CA VAL A 285 31.14 -2.21 20.14
C VAL A 285 32.48 -1.86 20.78
N LYS A 286 32.71 -2.41 21.97
CA LYS A 286 33.97 -2.28 22.68
C LYS A 286 34.87 -3.48 22.36
N LEU A 287 36.08 -3.17 21.90
CA LEU A 287 37.02 -4.15 21.38
C LEU A 287 38.29 -4.27 22.24
N SER A 288 38.46 -3.33 23.16
CA SER A 288 39.69 -3.25 23.95
C SER A 288 39.92 -4.51 24.79
N ALA A 289 38.86 -5.29 25.02
CA ALA A 289 38.96 -6.51 25.80
C ALA A 289 39.26 -7.71 24.92
N LEU A 290 39.32 -7.49 23.60
CA LEU A 290 39.68 -8.54 22.66
C LEU A 290 41.18 -8.71 22.58
N THR A 291 41.65 -9.95 22.52
CA THR A 291 43.06 -10.24 22.44
C THR A 291 43.34 -11.27 21.35
N LEU A 292 44.63 -11.47 21.05
CA LEU A 292 45.02 -12.42 20.02
C LEU A 292 45.73 -13.63 20.62
N LYS A 293 45.28 -14.83 20.22
CA LYS A 293 45.90 -16.06 20.65
C LYS A 293 47.11 -16.40 19.77
N GLY A 294 48.16 -16.93 20.40
CA GLY A 294 49.34 -17.34 19.67
C GLY A 294 50.23 -16.19 19.29
N THR A 295 50.26 -15.16 20.12
CA THR A 295 51.16 -14.03 19.93
C THR A 295 52.59 -14.45 20.26
N SER A 296 52.72 -15.43 21.15
CA SER A 296 54.01 -15.95 21.56
C SER A 296 54.54 -17.03 20.61
N TYR A 297 53.66 -17.54 19.75
CA TYR A 297 54.01 -18.64 18.85
C TYR A 297 55.13 -18.24 17.88
N LYS A 298 56.08 -19.14 17.68
CA LYS A 298 57.12 -18.93 16.69
C LYS A 298 56.53 -19.13 15.30
N MET A 299 57.08 -18.43 14.30
CA MET A 299 56.56 -18.51 12.94
C MET A 299 56.71 -19.91 12.34
N CYS A 300 55.71 -20.32 11.57
CA CYS A 300 55.75 -21.63 10.90
C CYS A 300 56.84 -21.67 9.84
N THR A 301 57.76 -22.62 10.00
CA THR A 301 58.89 -22.75 9.07
C THR A 301 58.83 -24.03 8.26
N ASP A 302 57.86 -24.89 8.56
CA ASP A 302 57.73 -26.16 7.88
C ASP A 302 56.86 -26.06 6.63
N LYS A 303 57.03 -27.02 5.73
CA LYS A 303 56.32 -27.00 4.45
C LYS A 303 54.82 -27.15 4.61
N MET A 304 54.10 -26.06 4.32
CA MET A 304 52.64 -26.07 4.35
C MET A 304 52.08 -26.28 2.95
N SER A 305 50.77 -26.44 2.85
CA SER A 305 50.13 -26.66 1.56
C SER A 305 48.72 -26.08 1.49
N PHE A 306 48.25 -25.81 0.28
CA PHE A 306 46.91 -25.29 0.09
C PHE A 306 45.88 -26.42 0.03
N VAL A 307 45.09 -26.55 1.09
CA VAL A 307 43.94 -27.45 1.05
C VAL A 307 42.92 -26.85 0.09
N LYS A 308 42.65 -25.57 0.27
CA LYS A 308 41.79 -24.83 -0.66
C LYS A 308 42.55 -23.66 -1.24
N ASN A 309 42.66 -23.64 -2.57
CA ASN A 309 43.32 -22.53 -3.26
C ASN A 309 42.61 -21.21 -3.00
N PRO A 310 43.38 -20.11 -2.99
CA PRO A 310 42.82 -18.76 -2.87
C PRO A 310 41.67 -18.53 -3.84
N THR A 311 40.50 -18.21 -3.31
CA THR A 311 39.30 -18.07 -4.12
C THR A 311 38.56 -16.77 -3.77
N ASP A 312 38.00 -16.12 -4.78
CA ASP A 312 37.25 -14.89 -4.56
C ASP A 312 35.97 -15.14 -3.76
N THR A 313 35.70 -14.28 -2.79
CA THR A 313 34.53 -14.40 -1.92
C THR A 313 33.33 -13.66 -2.49
N GLY A 314 33.57 -12.83 -3.49
CA GLY A 314 32.52 -11.96 -4.02
C GLY A 314 32.50 -10.65 -3.25
N HIS A 315 33.37 -10.54 -2.25
CA HIS A 315 33.46 -9.35 -1.42
C HIS A 315 34.71 -8.56 -1.73
N GLY A 316 35.43 -9.00 -2.77
CA GLY A 316 36.69 -8.36 -3.11
C GLY A 316 37.82 -8.92 -2.27
N THR A 317 37.50 -9.91 -1.43
CA THR A 317 38.52 -10.55 -0.61
C THR A 317 38.79 -11.95 -1.12
N VAL A 318 39.81 -12.59 -0.56
CA VAL A 318 40.20 -13.93 -0.97
C VAL A 318 40.33 -14.85 0.23
N VAL A 319 39.74 -16.04 0.13
CA VAL A 319 39.87 -17.05 1.17
C VAL A 319 40.67 -18.24 0.67
N MET A 320 41.48 -18.80 1.56
CA MET A 320 42.28 -19.96 1.25
C MET A 320 42.31 -20.87 2.46
N GLN A 321 42.54 -22.16 2.26
CA GLN A 321 42.67 -23.06 3.40
C GLN A 321 44.03 -23.72 3.35
N VAL A 322 44.84 -23.40 4.36
CA VAL A 322 46.23 -23.83 4.41
C VAL A 322 46.44 -24.94 5.44
N LYS A 323 47.06 -26.03 5.01
CA LYS A 323 47.35 -27.14 5.90
C LYS A 323 48.75 -27.01 6.49
N VAL A 324 48.85 -27.18 7.81
CA VAL A 324 50.15 -27.14 8.47
C VAL A 324 50.48 -28.50 9.08
N PRO A 325 51.23 -29.32 8.32
CA PRO A 325 51.58 -30.69 8.74
C PRO A 325 52.60 -30.71 9.87
N LYS A 326 53.52 -29.75 9.86
CA LYS A 326 54.60 -29.71 10.86
C LYS A 326 54.84 -28.29 11.36
N GLY A 327 55.40 -28.18 12.56
CA GLY A 327 55.79 -26.88 13.12
C GLY A 327 54.87 -26.36 14.21
N ALA A 328 53.68 -26.93 14.31
CA ALA A 328 52.68 -26.48 15.27
C ALA A 328 53.12 -26.73 16.72
N PRO A 329 52.73 -25.83 17.64
CA PRO A 329 51.97 -24.60 17.41
C PRO A 329 52.83 -23.46 16.84
N CYS A 330 52.31 -22.76 15.85
CA CYS A 330 53.10 -21.73 15.16
C CYS A 330 52.25 -20.67 14.46
N LYS A 331 52.85 -19.49 14.28
CA LYS A 331 52.23 -18.41 13.51
C LYS A 331 52.36 -18.68 12.02
N ILE A 332 51.26 -18.50 11.29
CA ILE A 332 51.31 -18.59 9.84
C ILE A 332 51.60 -17.23 9.22
N PRO A 333 52.79 -17.07 8.61
CA PRO A 333 53.20 -15.81 8.00
C PRO A 333 52.47 -15.55 6.69
N VAL A 334 51.66 -14.50 6.63
CA VAL A 334 50.90 -14.18 5.43
C VAL A 334 50.99 -12.72 5.02
N ILE A 335 51.44 -12.46 3.79
CA ILE A 335 51.40 -11.11 3.22
C ILE A 335 50.90 -11.14 1.78
N VAL A 336 50.53 -9.99 1.26
CA VAL A 336 50.17 -9.85 -0.15
C VAL A 336 51.03 -8.76 -0.77
N ALA A 337 52.03 -9.17 -1.54
CA ALA A 337 53.03 -8.25 -2.06
C ALA A 337 52.79 -7.85 -3.51
N ASP A 338 53.59 -6.90 -3.99
CA ASP A 338 53.51 -6.46 -5.37
C ASP A 338 54.13 -7.47 -6.32
N ASP A 339 55.15 -8.18 -5.82
CA ASP A 339 55.83 -9.21 -6.60
C ASP A 339 56.44 -10.27 -5.70
N LEU A 340 57.25 -11.14 -6.29
CA LEU A 340 57.86 -12.24 -5.55
C LEU A 340 59.11 -11.79 -4.80
N THR A 341 59.62 -10.61 -5.14
CA THR A 341 60.85 -10.11 -4.53
C THR A 341 60.57 -9.23 -3.31
N ALA A 342 59.64 -8.29 -3.45
CA ALA A 342 59.31 -7.37 -2.36
C ALA A 342 58.71 -8.09 -1.17
N ALA A 343 58.87 -7.53 0.02
CA ALA A 343 58.37 -8.14 1.24
C ALA A 343 57.46 -7.19 2.01
N ILE A 344 56.96 -6.17 1.33
CA ILE A 344 56.06 -5.21 1.94
C ILE A 344 54.62 -5.65 1.72
N ASN A 345 53.88 -5.85 2.80
CA ASN A 345 52.49 -6.27 2.71
C ASN A 345 51.57 -5.15 2.26
N LYS A 346 51.01 -5.31 1.07
CA LYS A 346 50.08 -4.32 0.51
C LYS A 346 48.64 -4.75 0.71
N GLY A 347 48.45 -5.99 1.17
CA GLY A 347 47.11 -6.52 1.38
C GLY A 347 46.64 -6.28 2.79
N ILE A 348 45.35 -6.48 3.01
CA ILE A 348 44.77 -6.31 4.34
C ILE A 348 44.33 -7.67 4.90
N LEU A 349 44.94 -8.07 6.00
CA LEU A 349 44.70 -9.39 6.57
C LEU A 349 43.49 -9.40 7.48
N VAL A 350 42.41 -10.03 7.03
CA VAL A 350 41.20 -10.15 7.84
C VAL A 350 41.43 -11.12 8.99
N THR A 351 42.12 -12.22 8.70
CA THR A 351 42.48 -13.18 9.73
C THR A 351 43.77 -12.74 10.43
N VAL A 352 43.62 -11.85 11.40
CA VAL A 352 44.78 -11.29 12.10
C VAL A 352 45.53 -12.36 12.88
N ASN A 353 46.83 -12.43 12.65
CA ASN A 353 47.70 -13.42 13.31
C ASN A 353 47.16 -14.85 13.21
N PRO A 354 47.17 -15.41 12.00
CA PRO A 354 46.69 -16.78 11.80
C PRO A 354 47.65 -17.79 12.41
N ILE A 355 47.11 -18.75 13.15
CA ILE A 355 47.94 -19.73 13.84
C ILE A 355 47.43 -21.16 13.65
N ALA A 356 48.34 -22.12 13.80
CA ALA A 356 47.98 -23.53 13.78
C ALA A 356 48.38 -24.16 15.11
N SER A 357 47.40 -24.37 15.99
CA SER A 357 47.68 -24.87 17.32
C SER A 357 48.18 -26.31 17.30
N THR A 358 47.72 -27.08 16.33
CA THR A 358 48.08 -28.49 16.23
C THR A 358 48.52 -28.84 14.82
N ASN A 359 49.29 -29.92 14.68
CA ASN A 359 49.72 -30.38 13.38
C ASN A 359 48.54 -30.86 12.54
N ASP A 360 48.71 -30.82 11.22
CA ASP A 360 47.66 -31.19 10.26
C ASP A 360 46.41 -30.33 10.42
N ASP A 361 46.56 -29.17 11.05
CA ASP A 361 45.45 -28.22 11.14
C ASP A 361 45.24 -27.53 9.80
N GLU A 362 43.98 -27.33 9.45
CA GLU A 362 43.64 -26.61 8.24
C GLU A 362 43.05 -25.26 8.60
N VAL A 363 43.82 -24.21 8.38
CA VAL A 363 43.45 -22.85 8.75
C VAL A 363 42.85 -22.10 7.57
N LEU A 364 41.63 -21.60 7.74
CA LEU A 364 40.98 -20.79 6.73
C LEU A 364 41.37 -19.33 6.94
N ILE A 365 41.97 -18.74 5.90
CA ILE A 365 42.48 -17.39 5.97
C ILE A 365 41.83 -16.50 4.92
N GLU A 366 41.35 -15.34 5.35
CA GLU A 366 40.80 -14.35 4.43
C GLU A 366 41.68 -13.11 4.42
N VAL A 367 41.92 -12.58 3.22
CA VAL A 367 42.75 -11.40 3.08
C VAL A 367 42.23 -10.53 1.95
N ASN A 368 42.35 -9.21 2.10
CA ASN A 368 41.94 -8.31 1.04
C ASN A 368 43.14 -7.81 0.23
N PRO A 369 43.34 -8.39 -0.96
CA PRO A 369 44.47 -8.00 -1.81
C PRO A 369 44.25 -6.61 -2.40
N PRO A 370 45.34 -5.92 -2.74
CA PRO A 370 45.21 -4.63 -3.42
C PRO A 370 44.75 -4.81 -4.86
N PHE A 371 44.34 -3.72 -5.51
CA PHE A 371 43.82 -3.82 -6.87
C PHE A 371 44.92 -4.13 -7.88
N GLY A 372 44.55 -4.79 -8.97
CA GLY A 372 45.50 -5.12 -10.01
C GLY A 372 46.28 -6.39 -9.69
N ASP A 373 47.53 -6.43 -10.11
CA ASP A 373 48.35 -7.62 -9.91
C ASP A 373 49.06 -7.63 -8.57
N SER A 374 49.00 -8.76 -7.89
CA SER A 374 49.72 -8.96 -6.64
C SER A 374 50.06 -10.43 -6.47
N TYR A 375 50.78 -10.75 -5.39
CA TYR A 375 51.13 -12.12 -5.08
C TYR A 375 50.77 -12.42 -3.63
N ILE A 376 50.03 -13.49 -3.42
CA ILE A 376 49.72 -13.94 -2.08
C ILE A 376 50.83 -14.87 -1.57
N ILE A 377 51.48 -14.47 -0.49
CA ILE A 377 52.60 -15.25 0.05
C ILE A 377 52.33 -15.73 1.47
N VAL A 378 52.31 -17.05 1.63
CA VAL A 378 52.11 -17.67 2.94
C VAL A 378 53.39 -18.38 3.38
N GLY A 379 53.94 -17.93 4.50
CA GLY A 379 55.17 -18.50 5.01
C GLY A 379 56.38 -17.88 4.34
N THR A 380 57.57 -18.37 4.68
CA THR A 380 58.80 -17.87 4.10
C THR A 380 59.70 -19.01 3.64
N GLY A 381 60.87 -18.68 3.13
CA GLY A 381 61.81 -19.68 2.67
C GLY A 381 61.46 -20.20 1.30
N ASP A 382 62.06 -21.32 0.93
CA ASP A 382 61.82 -21.92 -0.39
C ASP A 382 60.55 -22.77 -0.37
N SER A 383 60.12 -23.14 0.83
CA SER A 383 58.94 -23.99 0.99
C SER A 383 57.66 -23.17 1.09
N ARG A 384 57.80 -21.85 1.02
CA ARG A 384 56.66 -20.96 1.16
C ARG A 384 55.65 -21.15 0.03
N LEU A 385 54.40 -20.77 0.28
CA LEU A 385 53.35 -20.86 -0.71
C LEU A 385 53.14 -19.53 -1.40
N THR A 386 53.10 -19.55 -2.73
CA THR A 386 52.85 -18.33 -3.51
C THR A 386 51.67 -18.53 -4.45
N TYR A 387 50.85 -17.50 -4.58
CA TYR A 387 49.73 -17.56 -5.51
C TYR A 387 49.46 -16.21 -6.15
N GLN A 388 49.75 -16.11 -7.45
CA GLN A 388 49.53 -14.89 -8.21
C GLN A 388 48.04 -14.54 -8.20
N TRP A 389 47.73 -13.27 -7.97
CA TRP A 389 46.35 -12.84 -7.94
C TRP A 389 46.16 -11.53 -8.70
N HIS A 390 44.93 -11.33 -9.17
CA HIS A 390 44.56 -10.11 -9.86
C HIS A 390 43.18 -9.66 -9.40
N LYS A 391 43.10 -8.39 -9.03
CA LYS A 391 41.85 -7.79 -8.60
C LYS A 391 41.37 -6.85 -9.70
N GLU A 392 40.17 -7.14 -10.18
CA GLU A 392 39.61 -6.57 -11.41
C GLU A 392 39.48 -5.06 -11.42
N ASP A 393 39.13 -4.49 -10.26
CA ASP A 393 38.83 -3.07 -10.06
C ASP A 393 37.34 -2.84 -10.27
N ASP A 394 36.62 -3.91 -10.60
CA ASP A 394 35.17 -3.85 -10.76
C ASP A 394 34.50 -3.76 -9.40
N ASP A 395 33.24 -3.35 -9.36
CA ASP A 395 32.53 -3.14 -8.11
C ASP A 395 32.21 -4.47 -7.42
N ASP A 396 32.52 -4.54 -6.12
CA ASP A 396 32.26 -5.74 -5.34
C ASP A 396 31.07 -5.54 -4.39
N LYS A 397 30.57 -6.65 -3.86
CA LYS A 397 29.38 -6.62 -3.01
C LYS A 397 29.65 -6.05 -1.62
N ALA A 398 30.92 -6.01 -1.22
CA ALA A 398 31.29 -5.50 0.10
C ALA A 398 31.44 -3.98 0.12
N GLY A 399 31.02 -3.38 1.22
CA GLY A 399 31.12 -1.93 1.38
C GLY A 399 32.16 -1.54 2.40
N TRP A 400 32.99 -0.55 2.05
CA TRP A 400 34.00 -0.04 2.96
C TRP A 400 33.70 1.39 3.37
N SER A 401 33.83 1.66 4.66
CA SER A 401 33.59 3.00 5.19
C SER A 401 34.88 3.56 5.76
N HIS A 402 34.81 4.80 6.24
CA HIS A 402 35.96 5.46 6.83
C HIS A 402 36.29 4.84 8.19
N PRO A 403 37.58 4.59 8.44
CA PRO A 403 38.04 4.07 9.73
C PRO A 403 37.63 5.01 10.85
N GLN A 404 37.30 4.46 12.02
CA GLN A 404 36.74 5.28 13.08
C GLN A 404 37.42 5.12 14.44
N PHE A 405 37.47 6.23 15.17
CA PHE A 405 38.06 6.33 16.50
C PHE A 405 37.03 6.83 17.49
N GLU A 406 36.71 6.01 18.49
CA GLU A 406 35.76 6.42 19.53
C GLU A 406 36.32 6.06 20.91
N LYS A 407 36.33 7.05 21.81
CA LYS A 407 36.93 6.90 23.13
C LYS A 407 35.94 6.32 24.15
N VAL B 1 -45.79 -31.83 11.04
CA VAL B 1 -45.90 -30.71 11.97
C VAL B 1 -46.06 -31.22 13.40
N THR B 2 -45.51 -30.47 14.35
CA THR B 2 -45.75 -30.75 15.76
C THR B 2 -46.21 -29.46 16.42
N LEU B 3 -47.16 -29.58 17.35
CA LEU B 3 -47.70 -28.39 18.00
C LEU B 3 -47.56 -28.56 19.51
N VAL B 4 -46.81 -27.66 20.15
CA VAL B 4 -46.55 -27.86 21.58
C VAL B 4 -46.93 -26.65 22.45
N ARG B 5 -47.41 -26.93 23.65
CA ARG B 5 -47.82 -25.87 24.58
C ARG B 5 -46.64 -25.36 25.40
N LYS B 6 -46.19 -24.14 25.10
CA LYS B 6 -45.09 -23.54 25.84
C LYS B 6 -45.54 -22.26 26.55
N ASN B 7 -45.77 -22.37 27.86
CA ASN B 7 -46.26 -21.25 28.66
C ASN B 7 -47.58 -20.70 28.12
N ARG B 8 -47.57 -19.42 27.77
CA ARG B 8 -48.76 -18.79 27.21
C ARG B 8 -48.89 -19.09 25.71
N TRP B 9 -47.78 -19.42 25.09
CA TRP B 9 -47.72 -19.59 23.64
C TRP B 9 -48.00 -21.02 23.18
N LEU B 10 -48.50 -21.13 21.96
CA LEU B 10 -48.68 -22.41 21.31
C LEU B 10 -47.78 -22.47 20.09
N LEU B 11 -46.89 -23.44 20.06
CA LEU B 11 -45.82 -23.47 19.08
C LEU B 11 -46.09 -24.40 17.91
N LEU B 12 -46.25 -23.79 16.73
CA LEU B 12 -46.34 -24.46 15.45
C LEU B 12 -44.96 -24.76 14.91
N ASN B 13 -44.53 -26.00 15.08
CA ASN B 13 -43.23 -26.44 14.64
C ASN B 13 -43.39 -27.19 13.32
N VAL B 14 -43.01 -26.52 12.23
CA VAL B 14 -43.28 -27.03 10.90
C VAL B 14 -42.00 -27.36 10.14
N THR B 15 -42.13 -28.20 9.12
CA THR B 15 -41.03 -28.52 8.23
C THR B 15 -41.43 -28.23 6.78
N SER B 16 -40.59 -28.64 5.84
CA SER B 16 -40.90 -28.47 4.43
C SER B 16 -42.05 -29.39 4.03
N GLU B 17 -42.30 -30.38 4.89
CA GLU B 17 -43.38 -31.34 4.67
C GLU B 17 -44.74 -30.72 4.97
N ASP B 18 -44.74 -29.58 5.63
CA ASP B 18 -45.98 -28.92 6.04
C ASP B 18 -46.29 -27.70 5.17
N LEU B 19 -45.57 -27.56 4.06
CA LEU B 19 -45.69 -26.39 3.20
C LEU B 19 -47.13 -26.18 2.70
N GLY B 20 -47.71 -25.04 3.07
CA GLY B 20 -49.03 -24.66 2.60
C GLY B 20 -50.16 -25.36 3.31
N LYS B 21 -49.82 -26.30 4.18
CA LYS B 21 -50.84 -27.08 4.89
C LYS B 21 -51.61 -26.25 5.89
N THR B 22 -52.89 -26.54 6.02
CA THR B 22 -53.72 -25.96 7.07
C THR B 22 -54.02 -27.03 8.10
N PHE B 23 -53.92 -26.67 9.38
CA PHE B 23 -54.16 -27.60 10.47
C PHE B 23 -55.29 -27.12 11.37
N SER B 24 -56.11 -28.07 11.82
CA SER B 24 -57.19 -27.77 12.74
C SER B 24 -56.66 -27.66 14.17
N VAL B 25 -56.59 -26.44 14.69
CA VAL B 25 -56.12 -26.22 16.06
C VAL B 25 -57.30 -25.84 16.96
N GLY B 26 -57.68 -26.77 17.84
CA GLY B 26 -58.81 -26.56 18.72
C GLY B 26 -60.09 -26.29 17.96
N THR B 27 -60.67 -25.11 18.18
CA THR B 27 -61.90 -24.72 17.50
C THR B 27 -61.62 -23.90 16.25
N GLY B 28 -60.36 -23.60 16.00
CA GLY B 28 -59.97 -22.80 14.85
C GLY B 28 -58.97 -23.52 13.97
N ASN B 29 -58.30 -22.79 13.09
CA ASN B 29 -57.27 -23.40 12.26
C ASN B 29 -56.04 -22.51 12.09
N CYS B 30 -54.97 -23.07 11.54
CA CYS B 30 -53.74 -22.31 11.30
C CYS B 30 -53.09 -22.72 9.99
N THR B 31 -52.44 -21.77 9.32
CA THR B 31 -51.83 -22.04 8.03
C THR B 31 -50.48 -21.36 7.88
N THR B 32 -49.53 -22.08 7.27
CA THR B 32 -48.20 -21.54 6.99
C THR B 32 -47.85 -21.74 5.52
N ASN B 33 -47.30 -20.71 4.90
CA ASN B 33 -46.78 -20.80 3.54
C ASN B 33 -45.35 -20.28 3.50
N ILE B 34 -44.44 -21.03 4.10
CA ILE B 34 -43.05 -20.60 4.27
C ILE B 34 -42.07 -21.45 3.45
N LEU B 35 -41.73 -20.96 2.26
CA LEU B 35 -40.79 -21.66 1.39
C LEU B 35 -39.44 -21.88 2.08
N GLU B 36 -39.06 -20.90 2.89
CA GLU B 36 -37.80 -20.93 3.62
C GLU B 36 -37.64 -22.16 4.51
N ALA B 37 -38.77 -22.64 5.03
CA ALA B 37 -38.77 -23.72 6.01
C ALA B 37 -38.27 -25.06 5.46
N LYS B 38 -37.34 -25.66 6.16
CA LYS B 38 -36.89 -27.02 5.88
C LYS B 38 -36.94 -27.81 7.17
N TYR B 39 -35.83 -28.43 7.55
CA TYR B 39 -35.80 -29.21 8.78
C TYR B 39 -35.04 -28.49 9.89
N TRP B 40 -35.30 -28.89 11.13
CA TRP B 40 -34.80 -28.16 12.31
C TRP B 40 -33.29 -28.19 12.47
N CYS B 41 -32.74 -27.05 12.86
CA CYS B 41 -31.32 -26.86 13.11
C CYS B 41 -31.16 -25.51 13.81
N PRO B 42 -29.97 -25.25 14.42
CA PRO B 42 -29.73 -23.96 15.05
C PRO B 42 -30.02 -22.76 14.15
N ASP B 43 -29.88 -22.93 12.84
CA ASP B 43 -30.27 -21.89 11.89
C ASP B 43 -31.79 -21.87 11.76
N SER B 44 -32.45 -21.32 12.79
CA SER B 44 -33.90 -21.37 12.86
C SER B 44 -34.57 -20.00 12.86
N MET B 45 -35.90 -20.02 12.87
CA MET B 45 -36.72 -18.81 12.86
C MET B 45 -37.96 -19.05 13.72
N GLU B 46 -38.33 -18.06 14.54
CA GLU B 46 -39.53 -18.16 15.36
C GLU B 46 -40.23 -16.82 15.48
N TYR B 47 -41.51 -16.77 15.10
CA TYR B 47 -42.25 -15.51 15.17
C TYR B 47 -43.76 -15.76 15.32
N ASN B 48 -44.52 -14.68 15.44
CA ASN B 48 -45.95 -14.79 15.70
C ASN B 48 -46.79 -15.13 14.48
N CYS B 49 -47.92 -15.78 14.73
CA CYS B 49 -48.92 -16.08 13.71
C CYS B 49 -50.21 -15.36 14.07
N PRO B 50 -50.47 -14.20 13.44
CA PRO B 50 -51.62 -13.34 13.71
C PRO B 50 -52.96 -14.08 13.78
N ASN B 51 -53.75 -13.78 14.79
CA ASN B 51 -55.10 -14.34 14.93
C ASN B 51 -56.10 -13.49 14.15
N LEU B 52 -56.59 -14.04 13.03
CA LEU B 52 -57.40 -13.27 12.11
C LEU B 52 -58.90 -13.46 12.34
N SER B 53 -59.67 -12.45 11.94
CA SER B 53 -61.12 -12.50 11.99
C SER B 53 -61.65 -13.41 10.89
N PRO B 54 -62.89 -13.94 11.06
CA PRO B 54 -63.49 -14.90 10.13
C PRO B 54 -63.40 -14.52 8.64
N ARG B 55 -63.45 -13.24 8.33
CA ARG B 55 -63.37 -12.80 6.94
C ARG B 55 -62.12 -11.99 6.65
N GLU B 56 -61.11 -12.13 7.49
CA GLU B 56 -59.87 -11.39 7.33
C GLU B 56 -58.88 -12.12 6.43
N GLU B 57 -58.73 -11.62 5.20
CA GLU B 57 -57.76 -12.18 4.26
C GLU B 57 -56.33 -11.79 4.64
N PRO B 58 -55.41 -12.76 4.64
CA PRO B 58 -54.00 -12.54 5.01
C PRO B 58 -53.33 -11.42 4.21
N ASP B 59 -52.58 -10.58 4.91
CA ASP B 59 -51.84 -9.47 4.31
C ASP B 59 -50.44 -9.41 4.89
N ASP B 60 -49.44 -9.51 4.03
CA ASP B 60 -48.04 -9.40 4.41
C ASP B 60 -47.64 -10.38 5.51
N ILE B 61 -48.28 -11.54 5.53
CA ILE B 61 -47.90 -12.60 6.47
C ILE B 61 -47.86 -13.94 5.76
N ASP B 62 -46.97 -14.83 6.22
CA ASP B 62 -46.84 -16.16 5.65
C ASP B 62 -47.27 -17.22 6.67
N CYS B 63 -47.78 -16.74 7.80
CA CYS B 63 -48.30 -17.62 8.84
C CYS B 63 -49.46 -16.93 9.55
N TRP B 64 -50.57 -17.65 9.71
CA TRP B 64 -51.74 -17.04 10.35
C TRP B 64 -52.63 -18.08 11.01
N CYS B 65 -53.59 -17.59 11.79
CA CYS B 65 -54.56 -18.46 12.42
C CYS B 65 -55.93 -17.80 12.43
N TYR B 66 -56.96 -18.62 12.23
CA TYR B 66 -58.34 -18.18 12.39
C TYR B 66 -58.91 -18.82 13.66
N GLY B 67 -59.15 -18.00 14.67
CA GLY B 67 -59.76 -18.46 15.91
C GLY B 67 -58.81 -19.11 16.90
N VAL B 68 -57.51 -18.87 16.72
CA VAL B 68 -56.51 -19.42 17.62
C VAL B 68 -55.56 -18.33 18.11
N GLU B 69 -55.45 -18.18 19.42
CA GLU B 69 -54.65 -17.12 20.03
C GLU B 69 -53.26 -17.59 20.47
N ASN B 70 -52.32 -16.65 20.48
CA ASN B 70 -50.97 -16.88 21.01
C ASN B 70 -50.22 -18.02 20.35
N VAL B 71 -50.27 -18.10 19.03
CA VAL B 71 -49.54 -19.12 18.30
C VAL B 71 -48.31 -18.55 17.63
N ARG B 72 -47.16 -19.19 17.83
CA ARG B 72 -45.94 -18.79 17.15
C ARG B 72 -45.42 -19.93 16.29
N VAL B 73 -45.02 -19.62 15.06
CA VAL B 73 -44.40 -20.62 14.21
C VAL B 73 -42.90 -20.64 14.43
N ALA B 74 -42.32 -21.83 14.35
CA ALA B 74 -40.88 -22.02 14.42
C ALA B 74 -40.46 -23.04 13.38
N TYR B 75 -39.35 -22.76 12.70
CA TYR B 75 -38.85 -23.69 11.69
C TYR B 75 -37.34 -23.59 11.50
N GLY B 76 -36.77 -24.62 10.88
CA GLY B 76 -35.36 -24.65 10.55
C GLY B 76 -35.12 -24.63 9.05
N LYS B 77 -33.94 -24.17 8.65
CA LYS B 77 -33.61 -24.04 7.24
C LYS B 77 -32.63 -25.12 6.76
N CYS B 78 -32.24 -26.00 7.68
CA CYS B 78 -31.29 -27.08 7.42
C CYS B 78 -31.93 -28.32 6.80
N ASP B 79 -31.11 -29.12 6.12
CA ASP B 79 -31.58 -30.36 5.52
C ASP B 79 -31.26 -31.54 6.45
N SER B 80 -32.17 -32.49 6.51
CA SER B 80 -31.99 -33.66 7.37
C SER B 80 -30.90 -34.57 6.84
N ALA C 1 16.60 35.22 -13.43
CA ALA C 1 16.54 36.06 -12.25
C ALA C 1 15.55 35.51 -11.23
N HIS C 2 14.65 34.65 -11.69
CA HIS C 2 13.55 34.16 -10.86
C HIS C 2 14.02 33.22 -9.76
N CYS C 3 15.26 32.73 -9.86
CA CYS C 3 15.82 31.86 -8.82
C CYS C 3 15.83 32.58 -7.48
N ILE C 4 15.97 33.90 -7.53
CA ILE C 4 15.97 34.73 -6.33
C ILE C 4 14.63 34.63 -5.61
N GLY C 5 13.56 34.46 -6.38
CA GLY C 5 12.23 34.31 -5.81
C GLY C 5 12.01 32.93 -5.24
N ILE C 6 12.88 32.00 -5.61
CA ILE C 6 12.78 30.62 -5.16
C ILE C 6 13.77 30.35 -4.03
N THR C 7 13.28 29.78 -2.94
CA THR C 7 14.10 29.54 -1.75
C THR C 7 15.28 28.62 -2.04
N ASP C 8 15.00 27.42 -2.55
CA ASP C 8 16.03 26.45 -2.86
C ASP C 8 16.69 26.73 -4.21
N ARG C 9 17.99 27.05 -4.17
CA ARG C 9 18.70 27.46 -5.38
C ARG C 9 20.06 26.76 -5.49
N ASP C 10 20.52 26.55 -6.71
CA ASP C 10 21.81 25.91 -6.94
C ASP C 10 22.60 26.66 -8.01
N PHE C 11 23.90 26.77 -7.81
CA PHE C 11 24.77 27.46 -8.75
C PHE C 11 25.65 26.52 -9.56
N ILE C 12 25.45 26.52 -10.87
CA ILE C 12 26.33 25.79 -11.78
C ILE C 12 27.37 26.75 -12.33
N GLU C 13 28.64 26.36 -12.26
CA GLU C 13 29.70 27.20 -12.79
C GLU C 13 30.32 26.55 -14.02
N GLY C 14 30.42 27.33 -15.09
CA GLY C 14 31.05 26.86 -16.30
C GLY C 14 32.49 27.34 -16.36
N VAL C 15 33.38 26.50 -16.87
CA VAL C 15 34.78 26.87 -17.02
C VAL C 15 34.95 27.66 -18.31
N HIS C 16 35.72 28.74 -18.25
CA HIS C 16 35.99 29.57 -19.41
C HIS C 16 36.63 28.76 -20.53
N GLY C 17 35.99 28.73 -21.69
CA GLY C 17 36.47 27.96 -22.82
C GLY C 17 35.54 26.80 -23.10
N GLY C 18 34.73 26.47 -22.10
CA GLY C 18 33.75 25.41 -22.26
C GLY C 18 32.51 25.91 -22.95
N THR C 19 31.75 24.99 -23.55
CA THR C 19 30.55 25.36 -24.27
C THR C 19 29.31 24.69 -23.68
N TRP C 20 29.52 23.58 -22.97
CA TRP C 20 28.42 22.84 -22.37
C TRP C 20 28.53 22.81 -20.85
N VAL C 21 27.38 22.76 -20.18
CA VAL C 21 27.34 22.53 -18.73
C VAL C 21 26.23 21.53 -18.39
N SER C 22 26.37 20.87 -17.25
CA SER C 22 25.36 19.91 -16.81
C SER C 22 24.63 20.42 -15.57
N ALA C 23 23.30 20.38 -15.61
CA ALA C 23 22.49 20.83 -14.48
C ALA C 23 21.40 19.82 -14.14
N THR C 24 21.15 19.63 -12.85
CA THR C 24 20.07 18.76 -12.40
C THR C 24 18.92 19.59 -11.86
N LEU C 25 17.79 19.56 -12.58
CA LEU C 25 16.64 20.36 -12.22
C LEU C 25 15.61 19.54 -11.45
N GLU C 26 15.46 19.85 -10.16
CA GLU C 26 14.44 19.24 -9.35
C GLU C 26 13.22 20.16 -9.30
N GLN C 27 12.05 19.59 -9.01
CA GLN C 27 10.84 20.39 -8.91
C GLN C 27 10.90 21.27 -7.68
N ASP C 28 10.32 22.47 -7.79
CA ASP C 28 10.30 23.46 -6.72
C ASP C 28 11.72 23.92 -6.33
N LYS C 29 12.67 23.76 -7.24
CA LYS C 29 14.02 24.24 -7.05
C LYS C 29 14.49 24.99 -8.30
N CYS C 30 15.49 25.85 -8.14
CA CYS C 30 15.99 26.64 -9.26
C CYS C 30 17.51 26.51 -9.41
N VAL C 31 18.01 26.72 -10.61
CA VAL C 31 19.44 26.62 -10.86
C VAL C 31 19.99 27.79 -11.68
N THR C 32 20.98 28.47 -11.14
CA THR C 32 21.65 29.55 -11.85
C THR C 32 22.99 29.09 -12.42
N VAL C 33 23.12 29.18 -13.75
CA VAL C 33 24.32 28.74 -14.44
C VAL C 33 25.19 29.92 -14.83
N MET C 34 26.43 29.93 -14.35
CA MET C 34 27.34 31.03 -14.60
C MET C 34 28.58 30.63 -15.39
N ALA C 35 28.87 31.38 -16.44
CA ALA C 35 30.09 31.18 -17.22
C ALA C 35 30.72 32.54 -17.50
N PRO C 36 32.06 32.61 -17.46
CA PRO C 36 32.79 33.83 -17.75
C PRO C 36 32.44 34.42 -19.13
N ASP C 37 32.22 35.72 -19.18
CA ASP C 37 31.86 36.44 -20.40
C ASP C 37 30.53 35.96 -20.98
N LYS C 38 29.77 35.24 -20.17
CA LYS C 38 28.44 34.80 -20.55
C LYS C 38 27.45 35.30 -19.49
N PRO C 39 26.28 35.78 -19.93
CA PRO C 39 25.25 36.17 -18.97
C PRO C 39 24.74 34.96 -18.18
N SER C 40 24.55 35.12 -16.88
CA SER C 40 24.08 34.02 -16.03
C SER C 40 22.67 33.61 -16.43
N LEU C 41 22.39 32.31 -16.34
CA LEU C 41 21.13 31.75 -16.82
C LEU C 41 20.37 31.00 -15.75
N ASP C 42 19.21 31.54 -15.36
CA ASP C 42 18.31 30.86 -14.45
C ASP C 42 17.42 29.88 -15.19
N ILE C 43 17.52 28.61 -14.82
CA ILE C 43 16.65 27.58 -15.36
C ILE C 43 15.97 26.84 -14.20
N SER C 44 14.69 26.55 -14.37
CA SER C 44 13.93 25.89 -13.31
C SER C 44 12.86 24.96 -13.88
N LEU C 45 12.66 23.82 -13.22
CA LEU C 45 11.64 22.87 -13.65
C LEU C 45 10.27 23.25 -13.12
N GLU C 46 9.37 23.62 -14.02
CA GLU C 46 8.03 24.04 -13.62
C GLU C 46 7.13 22.85 -13.31
N THR C 47 6.73 22.11 -14.34
CA THR C 47 5.84 20.97 -14.14
C THR C 47 6.27 19.74 -14.93
N VAL C 48 6.01 18.56 -14.36
CA VAL C 48 6.21 17.29 -15.05
C VAL C 48 4.89 16.52 -15.06
N ALA C 49 4.30 16.36 -16.23
CA ALA C 49 2.96 15.78 -16.30
C ALA C 49 2.77 14.84 -17.49
N ILE C 50 1.70 14.06 -17.44
CA ILE C 50 1.32 13.19 -18.56
C ILE C 50 -0.05 13.60 -19.08
N ASP C 51 -0.16 13.76 -20.40
CA ASP C 51 -1.40 14.21 -21.02
C ASP C 51 -2.07 13.10 -21.83
N GLY C 52 -3.33 12.85 -21.54
CA GLY C 52 -4.11 11.82 -22.22
C GLY C 52 -3.53 10.42 -22.15
N PRO C 53 -3.41 9.86 -20.93
CA PRO C 53 -2.94 8.48 -20.83
C PRO C 53 -4.04 7.49 -21.17
N ALA C 54 -3.73 6.49 -21.97
CA ALA C 54 -4.71 5.49 -22.37
C ALA C 54 -5.25 4.75 -21.14
N GLU C 55 -6.57 4.57 -21.10
CA GLU C 55 -7.20 3.87 -19.99
C GLU C 55 -7.02 2.37 -20.14
N ALA C 56 -6.34 1.76 -19.18
CA ALA C 56 -6.03 0.33 -19.24
C ALA C 56 -7.15 -0.54 -18.68
N ARG C 57 -7.63 -0.20 -17.49
CA ARG C 57 -8.65 -1.04 -16.84
C ARG C 57 -9.68 -0.24 -16.06
N LYS C 58 -10.75 -0.93 -15.65
CA LYS C 58 -11.69 -0.40 -14.67
C LYS C 58 -11.99 -1.52 -13.67
N VAL C 59 -12.02 -1.18 -12.39
CA VAL C 59 -12.27 -2.16 -11.34
C VAL C 59 -13.47 -1.76 -10.50
N CYS C 60 -14.60 -2.42 -10.74
CA CYS C 60 -15.83 -2.12 -10.03
C CYS C 60 -15.71 -2.49 -8.55
N TYR C 61 -15.96 -1.53 -7.66
CA TYR C 61 -15.97 -1.84 -6.24
C TYR C 61 -17.35 -1.69 -5.63
N ASN C 62 -18.30 -1.16 -6.41
CA ASN C 62 -19.69 -1.16 -6.01
C ASN C 62 -20.59 -1.57 -7.15
N ALA C 63 -21.23 -2.73 -7.02
CA ALA C 63 -22.07 -3.30 -8.07
C ALA C 63 -23.53 -3.36 -7.65
N VAL C 64 -24.42 -3.30 -8.63
CA VAL C 64 -25.86 -3.36 -8.39
C VAL C 64 -26.53 -4.40 -9.29
N LEU C 65 -27.26 -5.33 -8.69
CA LEU C 65 -27.93 -6.38 -9.45
C LEU C 65 -29.41 -6.06 -9.64
N THR C 66 -29.87 -6.19 -10.88
CA THR C 66 -31.26 -5.90 -11.22
C THR C 66 -31.84 -6.95 -12.16
N HIS C 67 -33.17 -7.06 -12.19
CA HIS C 67 -33.89 -7.95 -13.10
C HIS C 67 -33.36 -9.38 -13.11
N VAL C 68 -33.78 -10.17 -12.11
CA VAL C 68 -33.32 -11.55 -11.99
C VAL C 68 -34.25 -12.54 -12.71
N LYS C 69 -33.68 -13.31 -13.63
CA LYS C 69 -34.43 -14.32 -14.38
C LYS C 69 -33.95 -15.72 -14.01
N ILE C 70 -34.88 -16.65 -13.85
CA ILE C 70 -34.53 -18.02 -13.51
C ILE C 70 -35.30 -19.04 -14.35
N ASN C 71 -34.58 -19.96 -14.98
CA ASN C 71 -35.23 -21.00 -15.75
C ASN C 71 -34.83 -22.40 -15.26
N ASP C 72 -35.70 -23.38 -15.47
CA ASP C 72 -35.45 -24.73 -14.96
C ASP C 72 -36.05 -25.82 -15.84
N LYS C 73 -35.54 -27.05 -15.67
CA LYS C 73 -36.08 -28.21 -16.38
C LYS C 73 -36.06 -29.45 -15.49
N CYS C 74 -37.12 -30.25 -15.58
CA CYS C 74 -37.24 -31.49 -14.82
C CYS C 74 -36.13 -32.48 -15.16
N PRO C 75 -35.81 -33.39 -14.23
CA PRO C 75 -34.76 -34.39 -14.48
C PRO C 75 -34.98 -35.15 -15.78
N SER C 76 -33.89 -35.39 -16.51
CA SER C 76 -33.91 -36.14 -17.75
C SER C 76 -34.77 -35.48 -18.83
N THR C 77 -34.90 -34.16 -18.76
CA THR C 77 -35.62 -33.41 -19.79
C THR C 77 -34.74 -32.35 -20.44
N GLY C 78 -33.47 -32.30 -20.05
CA GLY C 78 -32.51 -31.41 -20.68
C GLY C 78 -32.08 -30.24 -19.81
N GLU C 79 -31.03 -29.55 -20.26
CA GLU C 79 -30.51 -28.38 -19.55
C GLU C 79 -31.38 -27.15 -19.78
N ALA C 80 -31.48 -26.30 -18.76
CA ALA C 80 -32.27 -25.08 -18.84
C ALA C 80 -31.40 -23.91 -19.28
N HIS C 81 -31.94 -23.05 -20.15
CA HIS C 81 -31.18 -21.93 -20.68
C HIS C 81 -31.95 -20.61 -20.64
N LEU C 82 -31.20 -19.51 -20.67
CA LEU C 82 -31.76 -18.17 -20.74
C LEU C 82 -31.03 -17.34 -21.79
N ALA C 83 -31.75 -16.42 -22.42
CA ALA C 83 -31.16 -15.55 -23.42
C ALA C 83 -30.10 -14.65 -22.79
N GLU C 84 -30.26 -14.39 -21.50
CA GLU C 84 -29.33 -13.54 -20.75
C GLU C 84 -27.94 -14.15 -20.66
N GLU C 85 -27.85 -15.47 -20.78
CA GLU C 85 -26.56 -16.16 -20.76
C GLU C 85 -25.68 -15.69 -21.92
N ASN C 86 -26.31 -15.26 -22.99
CA ASN C 86 -25.59 -14.75 -24.15
C ASN C 86 -25.40 -13.25 -24.06
N GLU C 87 -26.13 -12.62 -23.15
CA GLU C 87 -26.02 -11.17 -22.94
C GLU C 87 -24.86 -10.88 -21.97
N GLY C 88 -23.90 -10.09 -22.45
CA GLY C 88 -22.68 -9.83 -21.70
C GLY C 88 -22.86 -9.02 -20.43
N ASP C 89 -23.99 -8.31 -20.34
CA ASP C 89 -24.26 -7.48 -19.18
C ASP C 89 -24.94 -8.27 -18.07
N ASN C 90 -24.93 -9.59 -18.19
CA ASN C 90 -25.57 -10.46 -17.22
C ASN C 90 -24.61 -11.44 -16.55
N ALA C 91 -24.72 -11.54 -15.23
CA ALA C 91 -23.99 -12.55 -14.47
C ALA C 91 -24.91 -13.76 -14.30
N CYS C 92 -24.42 -14.92 -14.72
CA CYS C 92 -25.24 -16.13 -14.70
C CYS C 92 -24.58 -17.26 -13.93
N LYS C 93 -25.40 -18.18 -13.47
CA LYS C 93 -24.93 -19.41 -12.83
C LYS C 93 -25.81 -20.58 -13.24
N ARG C 94 -25.15 -21.66 -13.67
CA ARG C 94 -25.82 -22.90 -14.00
C ARG C 94 -25.60 -23.90 -12.89
N THR C 95 -26.69 -24.50 -12.41
CA THR C 95 -26.61 -25.50 -11.37
C THR C 95 -27.84 -26.40 -11.43
N TYR C 96 -28.08 -27.16 -10.37
CA TYR C 96 -29.19 -28.11 -10.35
C TYR C 96 -29.96 -28.06 -9.04
N SER C 97 -31.24 -28.41 -9.11
CA SER C 97 -32.11 -28.38 -7.95
C SER C 97 -32.79 -29.73 -7.71
N ASP C 98 -33.20 -29.98 -6.47
CA ASP C 98 -33.94 -31.20 -6.16
C ASP C 98 -35.35 -31.11 -6.74
N ARG C 99 -35.70 -32.06 -7.59
CA ARG C 99 -36.99 -32.06 -8.27
C ARG C 99 -37.71 -33.40 -8.13
N GLY C 100 -39.03 -33.38 -8.34
CA GLY C 100 -39.85 -34.57 -8.29
C GLY C 100 -41.33 -34.23 -8.16
N TRP C 101 -42.10 -35.18 -7.62
CA TRP C 101 -43.51 -34.94 -7.33
C TRP C 101 -43.65 -33.80 -6.32
N GLY C 102 -44.37 -32.75 -6.71
CA GLY C 102 -44.52 -31.59 -5.86
C GLY C 102 -44.09 -30.33 -6.58
N ASN C 103 -43.22 -30.48 -7.57
CA ASN C 103 -42.80 -29.36 -8.40
C ASN C 103 -42.98 -29.68 -9.88
N GLY C 104 -43.85 -30.63 -10.18
CA GLY C 104 -44.27 -30.89 -11.54
C GLY C 104 -43.31 -31.75 -12.34
N CYS C 105 -42.55 -32.59 -11.64
CA CYS C 105 -41.62 -33.49 -12.30
C CYS C 105 -42.01 -34.95 -12.07
N GLY C 106 -42.03 -35.72 -13.14
CA GLY C 106 -42.38 -37.13 -13.06
C GLY C 106 -41.24 -37.98 -12.56
N LEU C 107 -40.06 -37.37 -12.43
CA LEU C 107 -38.89 -38.07 -11.95
C LEU C 107 -38.27 -37.36 -10.75
N PHE C 108 -37.85 -38.15 -9.76
CA PHE C 108 -37.16 -37.62 -8.60
C PHE C 108 -35.67 -37.55 -8.85
N GLY C 109 -35.11 -36.36 -8.81
CA GLY C 109 -33.69 -36.20 -9.02
C GLY C 109 -33.27 -34.77 -9.31
N LYS C 110 -32.04 -34.61 -9.76
CA LYS C 110 -31.50 -33.29 -10.07
C LYS C 110 -32.05 -32.76 -11.38
N GLY C 111 -32.76 -31.63 -11.30
CA GLY C 111 -33.27 -30.97 -12.48
C GLY C 111 -32.46 -29.72 -12.76
N SER C 112 -32.26 -29.43 -14.04
CA SER C 112 -31.44 -28.29 -14.44
C SER C 112 -32.04 -26.98 -13.99
N ILE C 113 -31.18 -26.02 -13.63
CA ILE C 113 -31.65 -24.69 -13.29
C ILE C 113 -30.56 -23.65 -13.54
N VAL C 114 -30.94 -22.53 -14.14
CA VAL C 114 -30.01 -21.46 -14.44
C VAL C 114 -30.58 -20.13 -13.95
N ALA C 115 -29.72 -19.32 -13.36
CA ALA C 115 -30.12 -18.00 -12.89
C ALA C 115 -29.25 -16.91 -13.50
N CYS C 116 -29.88 -15.86 -14.01
CA CYS C 116 -29.15 -14.73 -14.57
C CYS C 116 -29.61 -13.42 -13.94
N ALA C 117 -28.70 -12.48 -13.79
CA ALA C 117 -29.00 -11.18 -13.20
C ALA C 117 -28.25 -10.08 -13.91
N LYS C 118 -28.91 -8.95 -14.13
CA LYS C 118 -28.27 -7.83 -14.82
C LYS C 118 -27.22 -7.17 -13.93
N PHE C 119 -25.98 -7.20 -14.38
CA PHE C 119 -24.87 -6.67 -13.62
C PHE C 119 -24.61 -5.21 -13.99
N THR C 120 -24.70 -4.32 -13.00
CA THR C 120 -24.36 -2.93 -13.22
C THR C 120 -23.34 -2.46 -12.20
N CYS C 121 -22.28 -1.84 -12.68
CA CYS C 121 -21.25 -1.30 -11.80
C CYS C 121 -21.61 0.10 -11.36
N ALA C 122 -21.97 0.26 -10.09
CA ALA C 122 -22.33 1.56 -9.55
C ALA C 122 -21.10 2.44 -9.49
N LYS C 123 -20.04 1.93 -8.88
CA LYS C 123 -18.79 2.69 -8.79
C LYS C 123 -17.55 1.83 -9.03
N SER C 124 -16.68 2.35 -9.88
CA SER C 124 -15.45 1.65 -10.28
C SER C 124 -14.21 2.56 -10.17
N MET C 125 -13.05 1.93 -10.03
CA MET C 125 -11.78 2.64 -9.99
C MET C 125 -11.09 2.53 -11.36
N SER C 126 -10.67 3.66 -11.91
CA SER C 126 -10.03 3.63 -13.22
C SER C 126 -8.53 3.38 -13.12
N LEU C 127 -7.99 2.66 -14.10
CA LEU C 127 -6.56 2.39 -14.16
C LEU C 127 -6.00 2.81 -15.50
N PHE C 128 -5.10 3.78 -15.48
CA PHE C 128 -4.55 4.34 -16.71
C PHE C 128 -3.13 3.90 -16.97
N GLU C 129 -2.86 3.59 -18.24
CA GLU C 129 -1.53 3.30 -18.74
C GLU C 129 -0.78 4.58 -19.01
N VAL C 130 0.39 4.73 -18.38
CA VAL C 130 1.19 5.93 -18.57
C VAL C 130 2.33 5.68 -19.56
N ASP C 131 2.26 6.34 -20.70
CA ASP C 131 3.24 6.17 -21.75
C ASP C 131 4.45 7.06 -21.49
N GLN C 132 5.62 6.43 -21.40
CA GLN C 132 6.87 7.13 -21.13
C GLN C 132 7.19 8.22 -22.16
N THR C 133 6.83 7.97 -23.40
CA THR C 133 7.15 8.90 -24.48
C THR C 133 6.25 10.12 -24.49
N LYS C 134 5.00 9.95 -24.08
CA LYS C 134 4.05 11.05 -24.06
C LYS C 134 4.21 11.94 -22.84
N ILE C 135 5.15 11.59 -21.97
CA ILE C 135 5.42 12.39 -20.78
C ILE C 135 5.97 13.76 -21.14
N GLN C 136 5.29 14.81 -20.68
CA GLN C 136 5.67 16.18 -20.97
C GLN C 136 6.27 16.87 -19.75
N TYR C 137 7.23 17.76 -19.98
CA TYR C 137 7.79 18.54 -18.88
C TYR C 137 8.22 19.93 -19.33
N VAL C 138 7.92 20.93 -18.50
CA VAL C 138 8.12 22.33 -18.87
C VAL C 138 9.21 22.99 -18.02
N ILE C 139 10.09 23.73 -18.68
CA ILE C 139 11.18 24.41 -17.99
C ILE C 139 11.20 25.92 -18.26
N ARG C 140 11.24 26.70 -17.18
CA ARG C 140 11.36 28.15 -17.28
C ARG C 140 12.82 28.57 -17.40
N ALA C 141 13.08 29.49 -18.32
CA ALA C 141 14.43 30.01 -18.52
C ALA C 141 14.43 31.55 -18.50
N GLN C 142 15.50 32.13 -17.96
CA GLN C 142 15.60 33.58 -17.85
C GLN C 142 17.07 33.99 -17.71
N LEU C 143 17.38 35.24 -18.06
CA LEU C 143 18.74 35.74 -17.94
C LEU C 143 18.85 36.82 -16.88
N HIS C 144 20.07 37.07 -16.41
CA HIS C 144 20.35 38.16 -15.48
C HIS C 144 20.78 39.39 -16.27
N VAL C 145 19.83 40.27 -16.57
CA VAL C 145 20.07 41.41 -17.45
C VAL C 145 19.96 42.73 -16.68
N GLY C 146 19.21 42.70 -15.59
CA GLY C 146 19.01 43.88 -14.77
C GLY C 146 17.54 44.26 -14.70
N ALA C 147 16.69 43.28 -15.01
CA ALA C 147 15.24 43.51 -15.03
C ALA C 147 14.66 43.56 -13.64
N LYS C 148 13.70 44.47 -13.44
CA LYS C 148 12.94 44.55 -12.20
C LYS C 148 12.16 43.26 -12.02
N GLN C 149 11.80 42.95 -10.78
CA GLN C 149 11.01 41.76 -10.50
C GLN C 149 9.71 41.78 -11.29
N GLU C 150 9.09 42.96 -11.33
CA GLU C 150 7.80 43.17 -11.98
C GLU C 150 7.80 42.77 -13.46
N ASN C 151 8.99 42.59 -14.04
CA ASN C 151 9.10 42.29 -15.46
C ASN C 151 9.54 40.86 -15.74
N TRP C 152 9.95 40.14 -14.68
CA TRP C 152 10.51 38.80 -14.82
C TRP C 152 9.68 37.84 -15.69
N ASN C 153 8.38 37.78 -15.42
CA ASN C 153 7.49 36.87 -16.16
C ASN C 153 7.47 37.12 -17.66
N THR C 154 7.76 38.35 -18.07
CA THR C 154 7.74 38.67 -19.49
C THR C 154 9.09 38.34 -20.13
N ASP C 155 10.10 38.17 -19.29
CA ASP C 155 11.44 37.83 -19.77
C ASP C 155 11.68 36.33 -19.70
N ILE C 156 10.75 35.61 -19.08
CA ILE C 156 10.88 34.17 -18.94
C ILE C 156 10.44 33.44 -20.20
N LYS C 157 11.38 32.76 -20.85
CA LYS C 157 11.06 31.91 -21.98
C LYS C 157 10.63 30.55 -21.44
N THR C 158 9.48 30.08 -21.94
CA THR C 158 8.92 28.81 -21.48
C THR C 158 9.24 27.70 -22.48
N LEU C 159 9.99 26.71 -22.04
CA LEU C 159 10.40 25.61 -22.91
C LEU C 159 9.60 24.33 -22.63
N LYS C 160 8.81 23.92 -23.61
CA LYS C 160 8.00 22.71 -23.47
C LYS C 160 8.74 21.49 -24.03
N PHE C 161 8.72 20.39 -23.28
CA PHE C 161 9.46 19.19 -23.67
C PHE C 161 8.60 17.93 -23.65
N ASP C 162 9.00 16.97 -24.48
CA ASP C 162 8.53 15.59 -24.39
C ASP C 162 9.70 14.67 -24.65
N ALA C 163 9.49 13.36 -24.53
CA ALA C 163 10.55 12.41 -24.81
C ALA C 163 10.90 12.43 -26.30
N LEU C 164 12.19 12.62 -26.59
CA LEU C 164 12.68 12.81 -27.95
C LEU C 164 11.95 13.99 -28.61
N SER C 165 12.04 15.15 -27.98
CA SER C 165 11.47 16.38 -28.53
C SER C 165 12.54 17.16 -29.27
N GLY C 166 13.80 16.74 -29.08
CA GLY C 166 14.93 17.46 -29.63
C GLY C 166 15.33 18.59 -28.71
N SER C 167 16.49 19.20 -28.98
CA SER C 167 16.98 20.31 -28.18
C SER C 167 16.06 21.52 -28.32
N GLN C 168 15.85 22.23 -27.21
CA GLN C 168 15.02 23.42 -27.24
C GLN C 168 15.87 24.68 -27.14
N GLU C 169 15.56 25.65 -27.99
CA GLU C 169 16.30 26.92 -27.99
C GLU C 169 15.63 27.96 -27.10
N ALA C 170 16.45 28.66 -26.35
CA ALA C 170 16.00 29.82 -25.59
C ALA C 170 16.69 31.05 -26.15
N GLU C 171 15.95 31.82 -26.94
CA GLU C 171 16.52 32.97 -27.62
C GLU C 171 16.21 34.26 -26.86
N PHE C 172 17.26 34.94 -26.42
CA PHE C 172 17.10 36.20 -25.71
C PHE C 172 17.59 37.36 -26.56
N THR C 173 16.67 38.29 -26.83
CA THR C 173 16.94 39.45 -27.66
C THR C 173 18.05 40.31 -27.08
N GLY C 174 19.15 40.43 -27.83
CA GLY C 174 20.27 41.25 -27.41
C GLY C 174 21.33 40.44 -26.68
N TYR C 175 21.00 39.21 -26.31
CA TYR C 175 21.93 38.37 -25.55
C TYR C 175 22.16 37.01 -26.20
N GLY C 176 21.59 36.81 -27.39
CA GLY C 176 21.88 35.61 -28.16
C GLY C 176 20.91 34.48 -27.89
N LYS C 177 21.44 33.29 -27.65
CA LYS C 177 20.62 32.13 -27.36
C LYS C 177 21.36 31.06 -26.58
N ALA C 178 20.61 30.31 -25.78
CA ALA C 178 21.13 29.15 -25.06
C ALA C 178 20.40 27.90 -25.53
N THR C 179 21.06 26.74 -25.45
CA THR C 179 20.43 25.51 -25.95
C THR C 179 20.26 24.45 -24.87
N LEU C 180 19.11 23.79 -24.84
CA LEU C 180 18.85 22.80 -23.81
C LEU C 180 18.57 21.40 -24.37
N GLU C 181 19.45 20.46 -24.02
CA GLU C 181 19.21 19.04 -24.28
C GLU C 181 18.85 18.34 -22.96
N CYS C 182 17.56 18.10 -22.76
CA CYS C 182 17.09 17.58 -21.47
C CYS C 182 16.59 16.14 -21.54
N GLN C 183 16.79 15.41 -20.45
CA GLN C 183 16.26 14.05 -20.32
C GLN C 183 15.62 13.88 -18.95
N VAL C 184 14.34 13.50 -18.96
CA VAL C 184 13.55 13.39 -17.72
C VAL C 184 13.66 12.01 -17.07
N GLN C 185 13.89 12.00 -15.77
CA GLN C 185 13.88 10.76 -14.99
C GLN C 185 12.80 10.82 -13.91
N THR C 186 11.88 9.87 -13.97
CA THR C 186 10.77 9.81 -13.03
C THR C 186 11.14 8.94 -11.83
N ALA C 187 10.53 9.23 -10.69
CA ALA C 187 10.81 8.48 -9.47
C ALA C 187 10.22 7.07 -9.54
N VAL C 188 9.20 6.90 -10.38
CA VAL C 188 8.50 5.62 -10.46
C VAL C 188 8.63 5.00 -11.84
N ASP C 189 8.95 3.70 -11.87
CA ASP C 189 8.95 2.96 -13.12
C ASP C 189 7.53 2.73 -13.59
N PHE C 190 7.24 3.16 -14.82
CA PHE C 190 5.88 3.08 -15.35
C PHE C 190 5.68 1.84 -16.21
N GLY C 191 6.71 1.00 -16.26
CA GLY C 191 6.60 -0.27 -16.94
C GLY C 191 5.87 -1.25 -16.05
N ASN C 192 5.85 -0.95 -14.76
CA ASN C 192 5.17 -1.79 -13.78
C ASN C 192 4.26 -0.98 -12.85
N SER C 193 3.68 0.09 -13.39
CA SER C 193 2.81 0.94 -12.58
C SER C 193 1.59 1.45 -13.36
N TYR C 194 0.45 1.49 -12.69
CA TYR C 194 -0.76 2.09 -13.22
C TYR C 194 -1.02 3.43 -12.55
N ILE C 195 -1.82 4.28 -13.19
CA ILE C 195 -2.33 5.46 -12.51
C ILE C 195 -3.78 5.19 -12.10
N ALA C 196 -4.00 5.04 -10.80
CA ALA C 196 -5.32 4.70 -10.29
C ALA C 196 -6.13 5.94 -9.94
N GLU C 197 -7.42 5.92 -10.26
CA GLU C 197 -8.28 7.05 -9.95
C GLU C 197 -9.61 6.62 -9.33
N MET C 198 -9.89 7.16 -8.15
CA MET C 198 -11.17 7.01 -7.48
C MET C 198 -11.66 8.41 -7.15
N GLU C 199 -12.88 8.73 -7.59
CA GLU C 199 -13.46 10.08 -7.50
C GLU C 199 -12.44 11.12 -7.99
N LYS C 200 -12.16 12.16 -7.20
CA LYS C 200 -11.18 13.16 -7.56
C LYS C 200 -9.75 12.74 -7.24
N GLU C 201 -9.60 11.73 -6.39
CA GLU C 201 -8.29 11.29 -5.92
C GLU C 201 -7.58 10.36 -6.90
N SER C 202 -6.27 10.55 -7.04
CA SER C 202 -5.44 9.74 -7.90
C SER C 202 -4.18 9.25 -7.19
N TRP C 203 -3.70 8.08 -7.58
CA TRP C 203 -2.49 7.49 -7.00
C TRP C 203 -1.64 6.81 -8.07
N ILE C 204 -0.39 6.52 -7.70
CA ILE C 204 0.47 5.65 -8.50
C ILE C 204 0.47 4.27 -7.86
N VAL C 205 -0.03 3.28 -8.58
CA VAL C 205 -0.16 1.95 -8.01
C VAL C 205 0.64 0.91 -8.77
N ASP C 206 0.84 -0.25 -8.15
CA ASP C 206 1.50 -1.35 -8.83
C ASP C 206 0.49 -2.07 -9.71
N ARG C 207 0.91 -2.43 -10.91
CA ARG C 207 0.03 -3.08 -11.87
C ARG C 207 -0.45 -4.44 -11.38
N GLN C 208 0.49 -5.26 -10.90
CA GLN C 208 0.17 -6.60 -10.42
C GLN C 208 -0.79 -6.53 -9.23
N TRP C 209 -0.58 -5.54 -8.37
CA TRP C 209 -1.45 -5.32 -7.22
C TRP C 209 -2.88 -5.07 -7.67
N ALA C 210 -3.02 -4.25 -8.69
CA ALA C 210 -4.34 -3.92 -9.23
C ALA C 210 -4.97 -5.13 -9.90
N GLN C 211 -4.13 -5.94 -10.54
CA GLN C 211 -4.61 -7.14 -11.22
C GLN C 211 -5.00 -8.23 -10.23
N ASP C 212 -4.41 -8.20 -9.04
CA ASP C 212 -4.67 -9.23 -8.04
C ASP C 212 -5.87 -8.90 -7.17
N LEU C 213 -6.50 -7.76 -7.43
CA LEU C 213 -7.68 -7.34 -6.68
C LEU C 213 -8.85 -8.28 -6.93
N THR C 214 -9.39 -8.83 -5.86
CA THR C 214 -10.56 -9.71 -5.96
C THR C 214 -11.81 -8.89 -6.22
N LEU C 215 -11.88 -8.32 -7.42
CA LEU C 215 -13.01 -7.48 -7.81
C LEU C 215 -13.26 -7.60 -9.32
N PRO C 216 -14.51 -7.38 -9.75
CA PRO C 216 -14.84 -7.41 -11.18
C PRO C 216 -14.08 -6.35 -11.98
N TRP C 217 -13.50 -6.74 -13.10
CA TRP C 217 -12.72 -5.81 -13.92
C TRP C 217 -13.09 -5.88 -15.39
N GLN C 218 -12.91 -4.76 -16.08
CA GLN C 218 -13.21 -4.64 -17.49
C GLN C 218 -11.99 -4.07 -18.21
N SER C 219 -11.78 -4.50 -19.45
CA SER C 219 -10.61 -4.09 -20.22
C SER C 219 -10.61 -2.60 -20.60
N GLY C 220 -11.62 -1.86 -20.15
CA GLY C 220 -11.73 -0.44 -20.46
C GLY C 220 -12.14 -0.23 -21.91
N SER C 221 -11.34 -0.75 -22.83
CA SER C 221 -11.63 -0.66 -24.26
C SER C 221 -12.84 -1.53 -24.59
N GLY C 222 -13.13 -2.48 -23.70
CA GLY C 222 -14.33 -3.29 -23.81
C GLY C 222 -15.27 -2.94 -22.67
N GLY C 223 -16.54 -3.29 -22.82
CA GLY C 223 -17.53 -2.98 -21.81
C GLY C 223 -17.93 -4.16 -20.96
N VAL C 224 -17.45 -5.34 -21.32
CA VAL C 224 -17.74 -6.54 -20.56
C VAL C 224 -17.03 -6.51 -19.22
N TRP C 225 -17.75 -6.84 -18.15
CA TRP C 225 -17.16 -6.91 -16.82
C TRP C 225 -16.76 -8.36 -16.58
N ARG C 226 -15.51 -8.58 -16.20
CA ARG C 226 -15.00 -9.92 -16.01
C ARG C 226 -14.91 -10.26 -14.53
N GLU C 227 -15.09 -11.54 -14.23
CA GLU C 227 -15.07 -12.03 -12.86
C GLU C 227 -16.07 -11.26 -11.99
N MET C 228 -17.32 -11.26 -12.44
CA MET C 228 -18.41 -10.62 -11.72
C MET C 228 -18.68 -11.31 -10.39
N HIS C 229 -18.31 -12.58 -10.30
CA HIS C 229 -18.61 -13.41 -9.14
C HIS C 229 -18.00 -12.88 -7.83
N HIS C 230 -17.08 -11.92 -7.94
CA HIS C 230 -16.46 -11.34 -6.76
C HIS C 230 -17.44 -10.47 -5.97
N LEU C 231 -18.45 -9.95 -6.65
CA LEU C 231 -19.44 -9.10 -5.99
C LEU C 231 -20.85 -9.65 -6.14
N VAL C 232 -20.97 -10.91 -6.56
CA VAL C 232 -22.27 -11.54 -6.77
C VAL C 232 -22.40 -12.87 -6.03
N GLU C 233 -23.52 -13.02 -5.30
CA GLU C 233 -23.78 -14.20 -4.48
C GLU C 233 -25.01 -14.99 -4.93
N PHE C 234 -24.79 -16.24 -5.33
CA PHE C 234 -25.90 -17.15 -5.63
C PHE C 234 -26.17 -18.09 -4.45
N GLU C 235 -27.33 -17.94 -3.83
CA GLU C 235 -27.70 -18.81 -2.71
C GLU C 235 -28.09 -20.19 -3.23
N PRO C 236 -28.00 -21.22 -2.37
CA PRO C 236 -28.43 -22.57 -2.73
C PRO C 236 -29.86 -22.59 -3.28
N PRO C 237 -30.06 -23.29 -4.41
CA PRO C 237 -31.32 -23.25 -5.15
C PRO C 237 -32.45 -23.98 -4.44
N HIS C 238 -33.66 -23.46 -4.59
CA HIS C 238 -34.85 -24.22 -4.29
C HIS C 238 -35.26 -24.89 -5.59
N ALA C 239 -36.42 -25.54 -5.61
CA ALA C 239 -36.84 -26.32 -6.76
C ALA C 239 -36.83 -25.51 -8.05
N ALA C 240 -37.32 -24.28 -7.98
CA ALA C 240 -37.44 -23.44 -9.17
C ALA C 240 -36.94 -22.01 -8.95
N THR C 241 -36.29 -21.76 -7.81
CA THR C 241 -35.81 -20.42 -7.51
C THR C 241 -34.41 -20.40 -6.92
N ILE C 242 -33.71 -19.28 -7.14
CA ILE C 242 -32.41 -19.03 -6.55
C ILE C 242 -32.35 -17.57 -6.10
N ARG C 243 -31.97 -17.35 -4.85
CA ARG C 243 -31.83 -15.99 -4.33
C ARG C 243 -30.46 -15.41 -4.69
N VAL C 244 -30.46 -14.40 -5.57
CA VAL C 244 -29.23 -13.76 -6.00
C VAL C 244 -29.06 -12.40 -5.35
N LEU C 245 -27.94 -12.18 -4.68
CA LEU C 245 -27.72 -10.93 -3.95
C LEU C 245 -26.36 -10.32 -4.26
N ALA C 246 -26.33 -9.00 -4.40
CA ALA C 246 -25.07 -8.27 -4.59
C ALA C 246 -24.28 -8.15 -3.29
N LEU C 247 -22.97 -8.36 -3.38
CA LEU C 247 -22.09 -8.24 -2.22
C LEU C 247 -21.82 -6.77 -1.89
N GLY C 248 -21.28 -6.53 -0.69
CA GLY C 248 -21.05 -5.18 -0.21
C GLY C 248 -20.04 -4.33 -0.98
N ASN C 249 -20.20 -3.02 -0.87
CA ASN C 249 -19.31 -2.03 -1.47
C ASN C 249 -17.88 -2.10 -0.93
N GLN C 250 -16.91 -2.23 -1.83
CA GLN C 250 -15.49 -2.34 -1.45
C GLN C 250 -14.76 -1.00 -1.49
N GLU C 251 -15.50 0.10 -1.50
CA GLU C 251 -14.90 1.43 -1.55
C GLU C 251 -13.95 1.71 -0.40
N GLY C 252 -14.40 1.42 0.81
CA GLY C 252 -13.60 1.68 2.01
C GLY C 252 -12.29 0.91 2.03
N SER C 253 -12.36 -0.38 1.73
CA SER C 253 -11.19 -1.23 1.68
C SER C 253 -10.18 -0.69 0.66
N LEU C 254 -10.70 -0.29 -0.50
CA LEU C 254 -9.88 0.24 -1.57
C LEU C 254 -9.17 1.51 -1.14
N LYS C 255 -9.92 2.46 -0.59
CA LYS C 255 -9.34 3.70 -0.09
C LYS C 255 -8.26 3.43 0.94
N THR C 256 -8.56 2.53 1.88
CA THR C 256 -7.62 2.14 2.91
C THR C 256 -6.32 1.60 2.33
N ALA C 257 -6.45 0.70 1.35
CA ALA C 257 -5.29 0.12 0.70
C ALA C 257 -4.52 1.21 -0.06
N LEU C 258 -5.23 2.24 -0.49
CA LEU C 258 -4.63 3.31 -1.28
C LEU C 258 -4.00 4.39 -0.42
N THR C 259 -4.27 4.34 0.89
CA THR C 259 -3.64 5.28 1.82
C THR C 259 -2.13 5.13 1.82
N GLY C 260 -1.66 3.91 1.60
CA GLY C 260 -0.24 3.61 1.56
C GLY C 260 0.30 3.60 0.15
N ALA C 261 0.03 4.67 -0.60
CA ALA C 261 0.53 4.79 -1.97
C ALA C 261 0.84 6.25 -2.31
N MET C 262 1.77 6.45 -3.23
CA MET C 262 2.12 7.80 -3.65
C MET C 262 0.94 8.40 -4.40
N ARG C 263 0.74 9.69 -4.24
CA ARG C 263 -0.44 10.36 -4.79
C ARG C 263 -0.15 11.20 -6.02
N VAL C 264 -1.19 11.41 -6.82
CA VAL C 264 -1.06 12.19 -8.06
C VAL C 264 -2.07 13.34 -8.06
N THR C 265 -1.60 14.52 -8.45
CA THR C 265 -2.47 15.70 -8.54
C THR C 265 -3.02 15.87 -9.95
N LYS C 266 -4.32 15.73 -10.09
CA LYS C 266 -4.99 15.99 -11.37
C LYS C 266 -5.08 17.48 -11.64
N ASP C 267 -4.75 17.89 -12.86
CA ASP C 267 -4.82 19.30 -13.22
C ASP C 267 -6.27 19.79 -13.24
N THR C 268 -6.48 20.97 -12.70
CA THR C 268 -7.80 21.59 -12.62
C THR C 268 -8.37 21.86 -14.00
N ASN C 269 -7.55 22.41 -14.89
CA ASN C 269 -8.01 22.85 -16.19
C ASN C 269 -8.39 21.71 -17.13
N ASP C 270 -7.54 20.68 -17.21
CA ASP C 270 -7.75 19.59 -18.16
C ASP C 270 -8.12 18.30 -17.44
N ASN C 271 -9.15 17.62 -17.95
CA ASN C 271 -9.62 16.38 -17.35
C ASN C 271 -8.76 15.17 -17.72
N ASN C 272 -7.81 15.36 -18.64
CA ASN C 272 -6.96 14.28 -19.09
C ASN C 272 -5.51 14.44 -18.66
N LEU C 273 -5.21 15.58 -18.03
CA LEU C 273 -3.85 15.91 -17.63
C LEU C 273 -3.54 15.52 -16.19
N TYR C 274 -2.43 14.80 -15.99
CA TYR C 274 -2.04 14.33 -14.67
C TYR C 274 -0.64 14.81 -14.28
N LYS C 275 -0.59 15.68 -13.28
CA LYS C 275 0.66 16.25 -12.81
C LYS C 275 1.40 15.28 -11.88
N LEU C 276 2.65 14.97 -12.22
CA LEU C 276 3.43 14.02 -11.45
C LEU C 276 4.20 14.70 -10.32
N HIS C 277 4.39 13.96 -9.22
CA HIS C 277 5.15 14.46 -8.09
C HIS C 277 6.55 13.87 -8.10
N GLY C 278 7.52 14.63 -7.63
CA GLY C 278 8.88 14.14 -7.53
C GLY C 278 9.50 14.04 -8.90
N GLY C 279 10.58 13.27 -8.99
CA GLY C 279 11.28 13.10 -10.26
C GLY C 279 12.15 14.30 -10.56
N HIS C 280 13.20 14.08 -11.36
CA HIS C 280 14.11 15.15 -11.72
C HIS C 280 14.43 15.16 -13.21
N VAL C 281 14.94 16.28 -13.71
CA VAL C 281 15.29 16.40 -15.12
C VAL C 281 16.76 16.76 -15.28
N SER C 282 17.50 15.91 -16.00
CA SER C 282 18.91 16.16 -16.26
C SER C 282 19.10 16.93 -17.55
N CYS C 283 19.62 18.16 -17.46
CA CYS C 283 19.76 19.01 -18.63
C CYS C 283 21.21 19.30 -18.96
N ARG C 284 21.51 19.31 -20.26
CA ARG C 284 22.82 19.72 -20.75
C ARG C 284 22.64 20.99 -21.56
N VAL C 285 23.33 22.05 -21.14
CA VAL C 285 23.12 23.39 -21.66
C VAL C 285 24.30 23.94 -22.46
N LYS C 286 24.02 24.37 -23.69
CA LYS C 286 24.99 25.03 -24.55
C LYS C 286 24.93 26.54 -24.36
N LEU C 287 26.08 27.11 -24.03
CA LEU C 287 26.21 28.51 -23.64
C LEU C 287 27.03 29.33 -24.63
N SER C 288 27.72 28.66 -25.53
CA SER C 288 28.64 29.33 -26.45
C SER C 288 27.93 30.33 -27.37
N ALA C 289 26.61 30.16 -27.50
CA ALA C 289 25.83 31.04 -28.36
C ALA C 289 25.30 32.24 -27.57
N LEU C 290 25.56 32.26 -26.28
CA LEU C 290 25.18 33.38 -25.43
C LEU C 290 26.20 34.51 -25.51
N THR C 291 25.71 35.75 -25.51
CA THR C 291 26.57 36.93 -25.58
C THR C 291 26.16 37.97 -24.56
N LEU C 292 26.98 39.00 -24.40
CA LEU C 292 26.70 40.07 -23.45
C LEU C 292 26.36 41.37 -24.18
N LYS C 293 25.26 41.99 -23.79
CA LYS C 293 24.85 43.26 -24.37
C LYS C 293 25.55 44.43 -23.66
N GLY C 294 25.97 45.43 -24.45
CA GLY C 294 26.57 46.63 -23.90
C GLY C 294 28.02 46.49 -23.47
N THR C 295 28.78 45.67 -24.18
CA THR C 295 30.21 45.53 -23.90
C THR C 295 30.97 46.76 -24.38
N SER C 296 30.42 47.44 -25.38
CA SER C 296 31.04 48.63 -25.93
C SER C 296 30.66 49.89 -25.15
N TYR C 297 29.64 49.78 -24.30
CA TYR C 297 29.13 50.93 -23.55
C TYR C 297 30.21 51.50 -22.63
N LYS C 298 30.34 52.81 -22.59
CA LYS C 298 31.25 53.47 -21.66
C LYS C 298 30.66 53.45 -20.26
N MET C 299 31.51 53.43 -19.23
CA MET C 299 31.05 53.37 -17.85
C MET C 299 30.24 54.61 -17.43
N CYS C 300 29.22 54.38 -16.62
CA CYS C 300 28.37 55.45 -16.09
C CYS C 300 29.14 56.37 -15.15
N THR C 301 29.16 57.66 -15.45
CA THR C 301 29.91 58.62 -14.64
C THR C 301 28.98 59.57 -13.90
N ASP C 302 27.68 59.48 -14.16
CA ASP C 302 26.71 60.36 -13.54
C ASP C 302 26.19 59.81 -12.21
N LYS C 303 25.64 60.70 -11.39
CA LYS C 303 25.16 60.34 -10.06
C LYS C 303 23.99 59.37 -10.10
N MET C 304 24.25 58.13 -9.69
CA MET C 304 23.20 57.12 -9.62
C MET C 304 22.66 57.03 -8.21
N SER C 305 21.61 56.25 -8.01
CA SER C 305 21.01 56.10 -6.68
C SER C 305 20.41 54.72 -6.47
N PHE C 306 20.27 54.33 -5.21
CA PHE C 306 19.67 53.05 -4.87
C PHE C 306 18.15 53.13 -4.78
N VAL C 307 17.46 52.58 -5.77
CA VAL C 307 16.02 52.42 -5.69
C VAL C 307 15.73 51.39 -4.60
N LYS C 308 16.44 50.28 -4.66
CA LYS C 308 16.35 49.28 -3.61
C LYS C 308 17.74 49.06 -2.99
N ASN C 309 17.85 49.28 -1.69
CA ASN C 309 19.10 49.06 -0.99
C ASN C 309 19.51 47.59 -1.09
N PRO C 310 20.83 47.33 -1.09
CA PRO C 310 21.38 45.97 -1.08
C PRO C 310 20.74 45.11 0.00
N THR C 311 20.13 44.00 -0.41
CA THR C 311 19.39 43.15 0.51
C THR C 311 19.82 41.69 0.36
N ASP C 312 19.89 40.98 1.47
CA ASP C 312 20.27 39.57 1.46
C ASP C 312 19.20 38.74 0.75
N THR C 313 19.66 37.83 -0.11
CA THR C 313 18.76 37.00 -0.89
C THR C 313 18.42 35.70 -0.16
N GLY C 314 19.21 35.39 0.86
CA GLY C 314 19.11 34.11 1.55
C GLY C 314 19.95 33.09 0.82
N HIS C 315 20.55 33.51 -0.29
CA HIS C 315 21.35 32.64 -1.13
C HIS C 315 22.83 32.94 -0.99
N GLY C 316 23.16 33.79 -0.03
CA GLY C 316 24.53 34.21 0.17
C GLY C 316 24.91 35.33 -0.78
N THR C 317 23.95 35.75 -1.58
CA THR C 317 24.15 36.86 -2.51
C THR C 317 23.37 38.08 -2.05
N VAL C 318 23.62 39.20 -2.72
CA VAL C 318 22.97 40.46 -2.39
C VAL C 318 22.36 41.08 -3.64
N VAL C 319 21.11 41.52 -3.53
CA VAL C 319 20.45 42.22 -4.63
C VAL C 319 20.19 43.69 -4.30
N MET C 320 20.36 44.53 -5.31
CA MET C 320 20.11 45.96 -5.16
C MET C 320 19.47 46.46 -6.43
N GLN C 321 18.74 47.57 -6.35
CA GLN C 321 18.18 48.17 -7.56
C GLN C 321 18.69 49.59 -7.70
N VAL C 322 19.48 49.82 -8.74
CA VAL C 322 20.16 51.10 -8.95
C VAL C 322 19.53 51.91 -10.08
N LYS C 323 19.20 53.16 -9.79
CA LYS C 323 18.62 54.05 -10.79
C LYS C 323 19.70 54.85 -11.50
N VAL C 324 19.66 54.86 -12.84
CA VAL C 324 20.61 55.64 -13.62
C VAL C 324 19.91 56.76 -14.39
N PRO C 325 19.88 57.96 -13.81
CA PRO C 325 19.18 59.11 -14.41
C PRO C 325 19.91 59.69 -15.63
N LYS C 326 21.24 59.65 -15.63
CA LYS C 326 22.02 60.21 -16.72
C LYS C 326 23.21 59.32 -17.09
N GLY C 327 23.68 59.46 -18.32
CA GLY C 327 24.85 58.74 -18.78
C GLY C 327 24.53 57.60 -19.73
N ALA C 328 23.26 57.19 -19.76
CA ALA C 328 22.83 56.07 -20.58
C ALA C 328 22.94 56.38 -22.08
N PRO C 329 23.28 55.36 -22.89
CA PRO C 329 23.57 53.98 -22.48
C PRO C 329 24.97 53.82 -21.89
N CYS C 330 25.09 53.09 -20.79
CA CYS C 330 26.36 53.00 -20.08
C CYS C 330 26.48 51.76 -19.20
N LYS C 331 27.72 51.35 -18.96
CA LYS C 331 27.99 50.25 -18.03
C LYS C 331 27.88 50.75 -16.60
N ILE C 332 27.23 49.96 -15.75
CA ILE C 332 27.18 50.27 -14.33
C ILE C 332 28.36 49.59 -13.64
N PRO C 333 29.31 50.40 -13.15
CA PRO C 333 30.51 49.89 -12.49
C PRO C 333 30.19 49.36 -11.10
N VAL C 334 30.36 48.06 -10.89
CA VAL C 334 30.05 47.47 -9.59
C VAL C 334 31.19 46.57 -9.13
N ILE C 335 31.74 46.87 -7.95
CA ILE C 335 32.75 46.01 -7.35
C ILE C 335 32.45 45.78 -5.87
N VAL C 336 33.10 44.78 -5.29
CA VAL C 336 33.00 44.56 -3.86
C VAL C 336 34.40 44.51 -3.26
N ALA C 337 34.78 45.60 -2.59
CA ALA C 337 36.16 45.75 -2.12
C ALA C 337 36.30 45.43 -0.64
N ASP C 338 37.54 45.41 -0.15
CA ASP C 338 37.80 45.15 1.26
C ASP C 338 37.47 46.38 2.10
N ASP C 339 37.67 47.56 1.51
CA ASP C 339 37.38 48.81 2.19
C ASP C 339 37.03 49.91 1.19
N LEU C 340 36.96 51.13 1.68
CA LEU C 340 36.61 52.27 0.84
C LEU C 340 37.82 52.78 0.08
N THR C 341 39.01 52.36 0.49
CA THR C 341 40.25 52.80 -0.14
C THR C 341 40.66 51.86 -1.26
N ALA C 342 40.63 50.56 -1.00
CA ALA C 342 41.00 49.56 -1.99
C ALA C 342 40.04 49.56 -3.16
N ALA C 343 40.53 49.17 -4.33
CA ALA C 343 39.72 49.15 -5.54
C ALA C 343 39.74 47.78 -6.19
N ILE C 344 40.11 46.76 -5.41
CA ILE C 344 40.17 45.39 -5.92
C ILE C 344 38.84 44.69 -5.69
N ASN C 345 38.22 44.22 -6.78
CA ASN C 345 36.95 43.52 -6.68
C ASN C 345 37.12 42.12 -6.10
N LYS C 346 36.59 41.92 -4.90
CA LYS C 346 36.67 40.64 -4.23
C LYS C 346 35.38 39.85 -4.38
N GLY C 347 34.34 40.52 -4.88
CA GLY C 347 33.04 39.89 -5.03
C GLY C 347 32.84 39.27 -6.39
N ILE C 348 31.83 38.40 -6.50
CA ILE C 348 31.48 37.77 -7.76
C ILE C 348 30.12 38.26 -8.24
N LEU C 349 30.12 38.90 -9.40
CA LEU C 349 28.95 39.57 -9.93
C LEU C 349 28.04 38.60 -10.71
N VAL C 350 26.87 38.31 -10.14
CA VAL C 350 25.91 37.42 -10.80
C VAL C 350 25.30 38.11 -12.02
N THR C 351 25.02 39.40 -11.89
CA THR C 351 24.54 40.20 -13.01
C THR C 351 25.72 40.65 -13.84
N VAL C 352 26.19 39.79 -14.73
CA VAL C 352 27.38 40.06 -15.52
C VAL C 352 27.20 41.27 -16.43
N ASN C 353 28.16 42.20 -16.34
CA ASN C 353 28.14 43.43 -17.11
C ASN C 353 26.81 44.16 -17.02
N PRO C 354 26.49 44.71 -15.84
CA PRO C 354 25.23 45.43 -15.69
C PRO C 354 25.26 46.73 -16.47
N ILE C 355 24.20 46.97 -17.25
CA ILE C 355 24.15 48.16 -18.10
C ILE C 355 22.80 48.85 -17.99
N ALA C 356 22.78 50.15 -18.27
CA ALA C 356 21.54 50.91 -18.34
C ALA C 356 21.39 51.51 -19.73
N SER C 357 20.55 50.87 -20.54
CA SER C 357 20.38 51.29 -21.93
C SER C 357 19.68 52.64 -22.06
N THR C 358 18.82 52.96 -21.10
CA THR C 358 18.04 54.20 -21.14
C THR C 358 18.15 54.96 -19.82
N ASN C 359 17.91 56.27 -19.87
CA ASN C 359 17.91 57.08 -18.66
C ASN C 359 16.77 56.73 -17.73
N ASP C 360 16.95 57.01 -16.44
CA ASP C 360 15.98 56.70 -15.41
C ASP C 360 15.64 55.20 -15.34
N ASP C 361 16.51 54.38 -15.92
CA ASP C 361 16.36 52.93 -15.83
C ASP C 361 16.73 52.46 -14.45
N GLU C 362 15.97 51.49 -13.95
CA GLU C 362 16.24 50.88 -12.67
C GLU C 362 16.75 49.47 -12.87
N VAL C 363 18.05 49.27 -12.67
CA VAL C 363 18.71 48.00 -12.93
C VAL C 363 18.86 47.17 -11.66
N LEU C 364 18.32 45.96 -11.69
CA LEU C 364 18.45 45.04 -10.56
C LEU C 364 19.75 44.24 -10.70
N ILE C 365 20.61 44.35 -9.70
CA ILE C 365 21.92 43.74 -9.73
C ILE C 365 22.09 42.78 -8.56
N GLU C 366 22.54 41.56 -8.86
CA GLU C 366 22.86 40.58 -7.84
C GLU C 366 24.35 40.29 -7.85
N VAL C 367 24.94 40.18 -6.66
CA VAL C 367 26.37 39.93 -6.55
C VAL C 367 26.67 39.04 -5.36
N ASN C 368 27.67 38.19 -5.48
CA ASN C 368 28.08 37.33 -4.37
C ASN C 368 29.31 37.91 -3.68
N PRO C 369 29.10 38.55 -2.53
CA PRO C 369 30.21 39.17 -1.79
C PRO C 369 31.14 38.13 -1.17
N PRO C 370 32.41 38.52 -0.94
CA PRO C 370 33.36 37.66 -0.24
C PRO C 370 33.01 37.56 1.23
N PHE C 371 33.62 36.62 1.95
CA PHE C 371 33.29 36.41 3.35
C PHE C 371 33.78 37.54 4.24
N GLY C 372 33.07 37.76 5.34
CA GLY C 372 33.46 38.79 6.28
C GLY C 372 33.00 40.17 5.89
N ASP C 373 33.82 41.17 6.21
CA ASP C 373 33.51 42.57 5.94
C ASP C 373 33.97 42.99 4.56
N SER C 374 33.08 43.68 3.85
CA SER C 374 33.40 44.24 2.55
C SER C 374 32.56 45.48 2.29
N TYR C 375 32.80 46.11 1.14
CA TYR C 375 32.01 47.26 0.72
C TYR C 375 31.51 47.07 -0.70
N ILE C 376 30.21 47.25 -0.88
CA ILE C 376 29.60 47.22 -2.19
C ILE C 376 29.72 48.62 -2.79
N ILE C 377 30.41 48.71 -3.92
CA ILE C 377 30.68 50.00 -4.56
C ILE C 377 30.10 50.05 -5.97
N VAL C 378 29.19 51.00 -6.18
CA VAL C 378 28.57 51.20 -7.48
C VAL C 378 29.01 52.54 -8.08
N GLY C 379 29.66 52.48 -9.22
CA GLY C 379 30.14 53.67 -9.89
C GLY C 379 31.49 54.11 -9.36
N THR C 380 31.97 55.26 -9.87
CA THR C 380 33.26 55.80 -9.45
C THR C 380 33.13 57.28 -9.11
N GLY C 381 34.25 57.89 -8.73
CA GLY C 381 34.26 59.30 -8.39
C GLY C 381 33.74 59.55 -7.00
N ASP C 382 33.43 60.82 -6.71
CA ASP C 382 32.92 61.20 -5.40
C ASP C 382 31.43 60.97 -5.29
N SER C 383 30.79 60.81 -6.45
CA SER C 383 29.34 60.61 -6.51
C SER C 383 28.97 59.14 -6.42
N ARG C 384 29.96 58.29 -6.29
CA ARG C 384 29.74 56.85 -6.25
C ARG C 384 28.94 56.42 -5.04
N LEU C 385 28.27 55.26 -5.16
CA LEU C 385 27.47 54.73 -4.07
C LEU C 385 28.25 53.66 -3.30
N THR C 386 28.24 53.76 -1.98
CA THR C 386 28.91 52.78 -1.14
C THR C 386 27.94 52.17 -0.15
N TYR C 387 28.06 50.87 0.08
CA TYR C 387 27.21 50.19 1.05
C TYR C 387 27.96 49.07 1.75
N GLN C 388 28.22 49.27 3.04
CA GLN C 388 28.92 48.30 3.86
C GLN C 388 28.17 46.97 3.95
N TRP C 389 28.91 45.88 3.80
CA TRP C 389 28.31 44.55 3.90
C TRP C 389 29.15 43.59 4.73
N HIS C 390 28.49 42.62 5.36
CA HIS C 390 29.19 41.57 6.08
C HIS C 390 28.47 40.23 5.95
N LYS C 391 29.18 39.20 5.48
CA LYS C 391 28.57 37.87 5.47
C LYS C 391 29.31 36.93 6.41
N GLU C 392 28.60 36.43 7.40
CA GLU C 392 29.19 35.65 8.48
C GLU C 392 29.70 34.28 8.03
N ASP C 393 28.92 33.62 7.19
CA ASP C 393 29.25 32.25 6.78
C ASP C 393 28.59 31.81 5.48
N ASP C 394 29.09 30.71 4.93
CA ASP C 394 28.56 30.12 3.71
C ASP C 394 27.24 29.38 3.95
N ASP C 395 26.70 29.50 5.16
CA ASP C 395 25.47 28.80 5.54
C ASP C 395 24.24 29.39 4.86
N ASP C 396 24.24 29.42 3.53
CA ASP C 396 23.11 29.96 2.77
C ASP C 396 22.27 28.88 2.09
N LYS C 397 21.08 29.28 1.64
CA LYS C 397 20.14 28.36 1.00
C LYS C 397 20.59 27.95 -0.40
N ALA C 398 21.54 28.68 -0.96
CA ALA C 398 22.04 28.38 -2.29
C ALA C 398 23.09 27.28 -2.26
N GLY C 399 23.08 26.43 -3.27
CA GLY C 399 24.03 25.34 -3.38
C GLY C 399 25.05 25.58 -4.47
N TRP C 400 26.31 25.31 -4.17
CA TRP C 400 27.36 25.46 -5.16
C TRP C 400 27.90 24.10 -5.56
N SER C 401 28.06 23.90 -6.86
CA SER C 401 28.54 22.63 -7.39
C SER C 401 29.90 22.82 -8.04
N HIS C 402 30.47 21.72 -8.52
CA HIS C 402 31.78 21.74 -9.15
C HIS C 402 31.73 22.39 -10.53
N PRO C 403 32.65 23.34 -10.80
CA PRO C 403 32.78 23.95 -12.13
C PRO C 403 33.09 22.90 -13.19
N GLN C 404 32.55 23.05 -14.40
CA GLN C 404 32.70 22.02 -15.41
C GLN C 404 33.14 22.56 -16.77
N PHE C 405 33.95 21.79 -17.48
CA PHE C 405 34.44 22.20 -18.79
C PHE C 405 34.09 21.13 -19.82
N GLU C 406 33.28 21.49 -20.81
CA GLU C 406 32.88 20.57 -21.86
C GLU C 406 33.05 21.20 -23.24
N LYS C 407 34.18 20.93 -23.88
CA LYS C 407 34.52 21.52 -25.18
C LYS C 407 33.67 20.94 -26.31
N VAL D 1 -52.90 -8.09 -10.34
CA VAL D 1 -52.21 -9.06 -11.18
C VAL D 1 -52.49 -8.81 -12.65
N THR D 2 -51.49 -9.05 -13.50
CA THR D 2 -51.70 -9.01 -14.95
C THR D 2 -51.16 -10.27 -15.61
N LEU D 3 -51.84 -10.73 -16.65
CA LEU D 3 -51.41 -11.95 -17.34
C LEU D 3 -51.19 -11.69 -18.81
N VAL D 4 -49.95 -11.89 -19.27
CA VAL D 4 -49.65 -11.56 -20.67
C VAL D 4 -49.00 -12.70 -21.44
N ARG D 5 -49.35 -12.80 -22.72
CA ARG D 5 -48.81 -13.85 -23.58
C ARG D 5 -47.46 -13.45 -24.19
N LYS D 6 -46.38 -14.06 -23.70
CA LYS D 6 -45.04 -13.78 -24.22
C LYS D 6 -44.42 -15.04 -24.82
N ASN D 7 -44.44 -15.13 -26.15
CA ASN D 7 -43.95 -16.29 -26.88
C ASN D 7 -44.69 -17.57 -26.45
N ARG D 8 -43.92 -18.55 -25.97
CA ARG D 8 -44.50 -19.80 -25.49
C ARG D 8 -45.01 -19.63 -24.07
N TRP D 9 -44.48 -18.62 -23.39
CA TRP D 9 -44.72 -18.42 -21.97
C TRP D 9 -45.95 -17.56 -21.69
N LEU D 10 -46.55 -17.78 -20.53
CA LEU D 10 -47.63 -16.94 -20.05
C LEU D 10 -47.17 -16.30 -18.75
N LEU D 11 -47.15 -14.97 -18.72
CA LEU D 11 -46.52 -14.23 -17.64
C LEU D 11 -47.51 -13.68 -16.62
N LEU D 12 -47.40 -14.25 -15.41
CA LEU D 12 -48.10 -13.81 -14.21
C LEU D 12 -47.35 -12.70 -13.47
N ASN D 13 -47.82 -11.47 -13.64
CA ASN D 13 -47.21 -10.29 -13.02
C ASN D 13 -47.98 -9.89 -11.77
N VAL D 14 -47.40 -10.18 -10.59
CA VAL D 14 -48.11 -9.99 -9.32
C VAL D 14 -47.47 -8.94 -8.42
N THR D 15 -48.27 -8.43 -7.48
CA THR D 15 -47.78 -7.53 -6.44
C THR D 15 -48.16 -8.08 -5.06
N SER D 16 -47.96 -7.27 -4.03
CA SER D 16 -48.32 -7.67 -2.67
C SER D 16 -49.83 -7.77 -2.50
N GLU D 17 -50.57 -7.17 -3.42
CA GLU D 17 -52.02 -7.20 -3.41
C GLU D 17 -52.55 -8.56 -3.87
N ASP D 18 -51.68 -9.36 -4.46
CA ASP D 18 -52.07 -10.65 -5.02
C ASP D 18 -51.62 -11.81 -4.13
N LEU D 19 -51.16 -11.48 -2.93
CA LEU D 19 -50.60 -12.46 -2.02
C LEU D 19 -51.57 -13.60 -1.70
N GLY D 20 -51.18 -14.82 -2.06
CA GLY D 20 -51.96 -15.99 -1.72
C GLY D 20 -53.15 -16.23 -2.61
N LYS D 21 -53.42 -15.29 -3.51
CA LYS D 21 -54.58 -15.39 -4.38
C LYS D 21 -54.42 -16.51 -5.40
N THR D 22 -55.53 -17.16 -5.72
CA THR D 22 -55.58 -18.13 -6.80
C THR D 22 -56.35 -17.51 -7.96
N PHE D 23 -55.86 -17.70 -9.18
CA PHE D 23 -56.52 -17.12 -10.34
C PHE D 23 -56.94 -18.20 -11.33
N SER D 24 -58.13 -18.04 -11.89
CA SER D 24 -58.64 -18.97 -12.89
C SER D 24 -58.06 -18.66 -14.27
N VAL D 25 -57.14 -19.51 -14.72
CA VAL D 25 -56.56 -19.34 -16.04
C VAL D 25 -57.04 -20.41 -16.99
N GLY D 26 -57.89 -20.03 -17.93
CA GLY D 26 -58.47 -20.98 -18.87
C GLY D 26 -59.24 -22.09 -18.17
N THR D 27 -58.79 -23.33 -18.38
CA THR D 27 -59.43 -24.48 -17.76
C THR D 27 -58.77 -24.88 -16.45
N GLY D 28 -57.69 -24.18 -16.09
CA GLY D 28 -56.97 -24.49 -14.86
C GLY D 28 -56.87 -23.30 -13.94
N ASN D 29 -55.99 -23.39 -12.95
CA ASN D 29 -55.76 -22.25 -12.06
C ASN D 29 -54.29 -22.08 -11.68
N CYS D 30 -53.96 -20.96 -11.05
CA CYS D 30 -52.59 -20.72 -10.61
C CYS D 30 -52.57 -20.02 -9.26
N THR D 31 -51.54 -20.29 -8.46
CA THR D 31 -51.45 -19.70 -7.13
C THR D 31 -50.03 -19.28 -6.81
N THR D 32 -49.92 -18.11 -6.17
CA THR D 32 -48.64 -17.58 -5.72
C THR D 32 -48.70 -17.22 -4.24
N ASN D 33 -47.67 -17.62 -3.51
CA ASN D 33 -47.54 -17.23 -2.11
C ASN D 33 -46.15 -16.65 -1.86
N ILE D 34 -45.92 -15.46 -2.41
CA ILE D 34 -44.61 -14.84 -2.36
C ILE D 34 -44.65 -13.60 -1.48
N LEU D 35 -44.33 -13.79 -0.20
CA LEU D 35 -44.31 -12.68 0.75
C LEU D 35 -43.33 -11.60 0.33
N GLU D 36 -42.22 -12.02 -0.27
CA GLU D 36 -41.17 -11.12 -0.74
C GLU D 36 -41.70 -10.06 -1.71
N ALA D 37 -42.73 -10.44 -2.47
CA ALA D 37 -43.26 -9.60 -3.53
C ALA D 37 -43.87 -8.31 -3.01
N LYS D 38 -43.47 -7.20 -3.61
CA LYS D 38 -44.09 -5.92 -3.34
C LYS D 38 -44.47 -5.28 -4.68
N TYR D 39 -43.98 -4.07 -4.92
CA TYR D 39 -44.30 -3.38 -6.17
C TYR D 39 -43.11 -3.42 -7.12
N TRP D 40 -43.40 -3.21 -8.40
CA TRP D 40 -42.41 -3.42 -9.45
C TRP D 40 -41.26 -2.42 -9.40
N CYS D 41 -40.06 -2.91 -9.67
CA CYS D 41 -38.85 -2.10 -9.70
C CYS D 41 -37.73 -2.92 -10.34
N PRO D 42 -36.63 -2.27 -10.76
CA PRO D 42 -35.50 -3.01 -11.34
C PRO D 42 -35.02 -4.17 -10.47
N ASP D 43 -35.18 -4.06 -9.15
CA ASP D 43 -34.91 -5.18 -8.26
C ASP D 43 -36.06 -6.18 -8.34
N SER D 44 -36.10 -6.94 -9.43
CA SER D 44 -37.23 -7.83 -9.68
C SER D 44 -36.81 -9.29 -9.69
N MET D 45 -37.81 -10.16 -9.86
CA MET D 45 -37.61 -11.60 -9.86
C MET D 45 -38.57 -12.24 -10.85
N GLU D 46 -38.06 -13.18 -11.66
CA GLU D 46 -38.91 -13.89 -12.61
C GLU D 46 -38.49 -15.34 -12.76
N TYR D 47 -39.44 -16.26 -12.54
CA TYR D 47 -39.13 -17.68 -12.64
C TYR D 47 -40.35 -18.53 -12.98
N ASN D 48 -40.13 -19.83 -13.14
CA ASN D 48 -41.20 -20.72 -13.58
C ASN D 48 -42.17 -21.09 -12.47
N CYS D 49 -43.41 -21.37 -12.87
CA CYS D 49 -44.45 -21.87 -11.98
C CYS D 49 -44.88 -23.26 -12.44
N PRO D 50 -44.34 -24.30 -11.78
CA PRO D 50 -44.58 -25.71 -12.12
C PRO D 50 -46.04 -26.06 -12.35
N ASN D 51 -46.31 -26.79 -13.43
CA ASN D 51 -47.64 -27.30 -13.71
C ASN D 51 -47.84 -28.64 -13.01
N LEU D 52 -48.66 -28.63 -11.97
CA LEU D 52 -48.79 -29.79 -11.08
C LEU D 52 -49.96 -30.69 -11.47
N SER D 53 -49.85 -31.96 -11.08
CA SER D 53 -50.92 -32.93 -11.29
C SER D 53 -52.08 -32.59 -10.35
N PRO D 54 -53.31 -33.03 -10.68
CA PRO D 54 -54.50 -32.69 -9.91
C PRO D 54 -54.39 -32.87 -8.39
N ARG D 55 -53.62 -33.85 -7.93
CA ARG D 55 -53.46 -34.07 -6.50
C ARG D 55 -52.02 -33.82 -6.07
N GLU D 56 -51.28 -33.06 -6.87
CA GLU D 56 -49.88 -32.79 -6.57
C GLU D 56 -49.72 -31.60 -5.62
N GLU D 57 -49.36 -31.90 -4.37
CA GLU D 57 -49.12 -30.88 -3.36
C GLU D 57 -47.82 -30.15 -3.64
N PRO D 58 -47.86 -28.81 -3.60
CA PRO D 58 -46.68 -27.98 -3.85
C PRO D 58 -45.51 -28.34 -2.93
N ASP D 59 -44.32 -28.44 -3.50
CA ASP D 59 -43.13 -28.76 -2.73
C ASP D 59 -41.98 -27.87 -3.13
N ASP D 60 -41.44 -27.14 -2.15
CA ASP D 60 -40.28 -26.27 -2.34
C ASP D 60 -40.50 -25.23 -3.46
N ILE D 61 -41.75 -24.83 -3.66
CA ILE D 61 -42.08 -23.76 -4.60
C ILE D 61 -43.10 -22.80 -3.99
N ASP D 62 -43.04 -21.53 -4.37
CA ASP D 62 -43.98 -20.53 -3.86
C ASP D 62 -44.90 -20.04 -4.97
N CYS D 63 -44.82 -20.70 -6.13
CA CYS D 63 -45.70 -20.40 -7.24
C CYS D 63 -45.97 -21.68 -8.03
N TRP D 64 -47.24 -21.93 -8.35
CA TRP D 64 -47.59 -23.15 -9.07
C TRP D 64 -48.87 -23.00 -9.88
N CYS D 65 -49.14 -23.98 -10.72
CA CYS D 65 -50.35 -24.01 -11.52
C CYS D 65 -50.91 -25.42 -11.63
N TYR D 66 -52.24 -25.52 -11.60
CA TYR D 66 -52.91 -26.77 -11.88
C TYR D 66 -53.61 -26.69 -13.23
N GLY D 67 -53.10 -27.47 -14.19
CA GLY D 67 -53.71 -27.56 -15.51
C GLY D 67 -53.32 -26.42 -16.43
N VAL D 68 -52.24 -25.72 -16.09
CA VAL D 68 -51.77 -24.61 -16.90
C VAL D 68 -50.27 -24.74 -17.18
N GLU D 69 -49.90 -24.77 -18.45
CA GLU D 69 -48.50 -24.96 -18.84
C GLU D 69 -47.81 -23.65 -19.21
N ASN D 70 -46.48 -23.64 -19.06
CA ASN D 70 -45.63 -22.52 -19.47
C ASN D 70 -45.96 -21.19 -18.80
N VAL D 71 -46.18 -21.21 -17.49
CA VAL D 71 -46.45 -19.99 -16.75
C VAL D 71 -45.24 -19.55 -15.93
N ARG D 72 -44.85 -18.28 -16.06
CA ARG D 72 -43.78 -17.74 -15.23
C ARG D 72 -44.27 -16.56 -14.41
N VAL D 73 -43.91 -16.54 -13.13
CA VAL D 73 -44.24 -15.41 -12.27
C VAL D 73 -43.12 -14.36 -12.30
N ALA D 74 -43.54 -13.11 -12.22
CA ALA D 74 -42.62 -11.98 -12.13
C ALA D 74 -43.11 -10.99 -11.10
N TYR D 75 -42.21 -10.46 -10.29
CA TYR D 75 -42.59 -9.47 -9.28
C TYR D 75 -41.44 -8.53 -8.95
N GLY D 76 -41.77 -7.42 -8.31
CA GLY D 76 -40.76 -6.49 -7.84
C GLY D 76 -40.77 -6.47 -6.33
N LYS D 77 -39.64 -6.10 -5.73
CA LYS D 77 -39.52 -6.09 -4.28
C LYS D 77 -39.52 -4.67 -3.71
N CYS D 78 -39.61 -3.68 -4.58
CA CYS D 78 -39.59 -2.29 -4.12
C CYS D 78 -40.98 -1.86 -3.66
N ASP D 79 -41.04 -0.99 -2.67
CA ASP D 79 -42.33 -0.48 -2.21
C ASP D 79 -42.54 0.97 -2.66
N SER D 80 -43.76 1.31 -3.01
CA SER D 80 -44.08 2.67 -3.45
C SER D 80 -45.56 2.99 -3.20
C1 NAG E . -39.08 -28.25 16.60
C2 NAG E . -38.42 -27.88 17.94
C3 NAG E . -37.02 -28.49 18.06
C4 NAG E . -37.05 -29.98 17.76
C5 NAG E . -37.68 -30.20 16.40
C6 NAG E . -37.80 -31.64 15.99
C7 NAG E . -38.74 -25.77 19.18
C8 NAG E . -38.57 -24.28 19.14
N2 NAG E . -38.34 -26.43 18.08
O3 NAG E . -36.49 -28.26 19.36
O4 NAG E . -35.72 -30.50 17.76
O5 NAG E . -39.01 -29.66 16.42
O6 NAG E . -38.36 -32.42 17.04
O7 NAG E . -39.20 -26.36 20.15
C1 NAG E . -35.60 -31.58 18.71
C2 NAG E . -34.80 -32.72 18.05
C3 NAG E . -33.38 -32.77 18.62
C4 NAG E . -33.42 -33.03 20.12
C5 NAG E . -34.57 -32.28 20.77
C6 NAG E . -34.20 -31.69 22.11
C7 NAG E . -35.99 -34.67 17.16
C8 NAG E . -36.65 -35.97 17.49
N2 NAG E . -35.47 -34.00 18.19
O3 NAG E . -32.71 -31.55 18.35
O4 NAG E . -33.57 -34.43 20.38
O5 NAG E . -34.94 -31.18 19.93
O6 NAG E . -35.30 -31.03 22.71
O7 NAG E . -35.92 -34.25 16.01
C1 NAG F . -59.88 -21.80 8.37
C2 NAG F . -60.50 -22.40 7.11
C3 NAG F . -60.94 -21.28 6.17
C4 NAG F . -61.86 -20.30 6.90
C5 NAG F . -61.20 -19.83 8.20
C6 NAG F . -62.12 -18.98 9.05
C7 NAG F . -59.81 -24.57 6.22
C8 NAG F . -58.74 -25.34 5.50
N2 NAG F . -59.56 -23.28 6.44
O3 NAG F . -61.64 -21.84 5.06
O4 NAG F . -62.10 -19.19 6.05
O5 NAG F . -60.82 -20.95 9.01
O6 NAG F . -63.42 -19.56 9.12
O7 NAG F . -60.87 -25.10 6.58
C1 NAG F . -63.51 -18.95 5.93
C2 NAG F . -63.82 -17.87 4.92
C3 NAG F . -65.30 -17.51 4.96
C4 NAG F . -66.17 -18.76 4.86
C5 NAG F . -65.69 -19.84 5.81
C6 NAG F . -66.40 -21.17 5.61
C7 NAG F . -61.82 -16.48 4.56
C8 NAG F . -61.11 -15.22 4.94
N2 NAG F . -62.99 -16.69 5.16
O3 NAG F . -65.60 -16.62 3.88
O4 NAG F . -67.50 -18.41 5.21
O5 NAG F . -64.29 -20.09 5.64
O6 NAG F . -66.33 -21.59 4.25
O7 NAG F . -61.35 -17.28 3.76
C1 BMA F . -68.36 -18.40 4.06
C2 BMA F . -69.73 -18.79 4.54
C3 BMA F . -70.70 -18.86 3.39
C4 BMA F . -70.64 -17.58 2.53
C5 BMA F . -69.18 -17.09 2.24
C6 BMA F . -69.10 -15.64 1.75
O2 BMA F . -70.25 -17.80 5.43
O3 BMA F . -72.04 -19.05 3.86
O4 BMA F . -71.33 -17.80 1.30
O5 BMA F . -68.38 -17.16 3.43
O6 BMA F . -69.81 -15.47 0.53
C1 MAN F . -72.46 -20.42 3.73
C2 MAN F . -73.96 -20.49 4.08
C3 MAN F . -74.14 -20.37 5.59
C4 MAN F . -73.29 -21.43 6.31
C5 MAN F . -71.81 -21.28 5.91
C6 MAN F . -70.93 -22.37 6.49
O2 MAN F . -74.51 -21.77 3.72
O3 MAN F . -75.50 -20.50 5.97
O4 MAN F . -73.41 -21.26 7.71
O5 MAN F . -71.69 -21.34 4.46
O6 MAN F . -70.61 -23.29 5.45
C1 MAN F . -70.96 -14.62 0.78
C2 MAN F . -71.41 -13.89 -0.50
C3 MAN F . -72.77 -13.22 -0.24
C4 MAN F . -73.10 -13.15 1.27
C5 MAN F . -71.83 -12.74 2.04
C6 MAN F . -72.07 -12.55 3.53
O2 MAN F . -71.63 -14.80 -1.58
O3 MAN F . -73.84 -13.87 -0.95
O4 MAN F . -74.14 -12.23 1.52
O5 MAN F . -70.81 -13.76 1.89
O6 MAN F . -70.81 -12.33 4.15
C1 FUC F . -64.18 -18.90 10.15
C2 FUC F . -63.73 -19.43 11.54
C3 FUC F . -64.37 -20.80 11.91
C4 FUC F . -65.55 -21.19 11.00
C5 FUC F . -66.36 -19.95 10.63
C6 FUC F . -67.55 -20.27 9.72
O2 FUC F . -63.93 -18.47 12.56
O3 FUC F . -63.38 -21.83 11.84
O4 FUC F . -65.09 -21.86 9.82
O5 FUC F . -65.58 -18.95 9.92
C1 NAG G . -45.04 -6.04 -14.47
C2 NAG G . -44.15 -5.91 -15.71
C3 NAG G . -43.45 -4.54 -15.75
C4 NAG G . -44.47 -3.42 -15.57
C5 NAG G . -45.24 -3.66 -14.28
C6 NAG G . -46.31 -2.63 -14.01
C7 NAG G . -42.84 -7.64 -16.87
C8 NAG G . -41.80 -8.71 -16.74
N2 NAG G . -43.16 -6.98 -15.76
O3 NAG G . -42.78 -4.39 -16.99
O4 NAG G . -43.79 -2.17 -15.52
O5 NAG G . -45.91 -4.92 -14.37
O6 NAG G . -47.32 -2.65 -15.01
O7 NAG G . -43.37 -7.40 -17.95
C1 NAG G . -44.37 -1.23 -16.44
C2 NAG G . -43.78 0.16 -16.22
C3 NAG G . -43.02 0.62 -17.46
C4 NAG G . -43.98 0.66 -18.66
C5 NAG G . -44.79 -0.62 -18.72
C6 NAG G . -44.82 -1.25 -20.09
C7 NAG G . -45.30 1.22 -14.62
C8 NAG G . -46.35 2.26 -14.42
N2 NAG G . -44.80 1.11 -15.85
O3 NAG G . -41.97 -0.29 -17.74
O4 NAG G . -44.86 1.78 -18.53
O5 NAG G . -44.25 -1.59 -17.83
O6 NAG G . -46.15 -1.44 -20.56
O7 NAG G . -44.92 0.51 -13.70
C1 BMA G . -44.71 2.60 -19.69
C2 BMA G . -45.53 3.89 -19.54
C3 BMA G . -45.34 4.77 -20.77
C4 BMA G . -43.86 4.92 -21.15
C5 BMA G . -43.17 3.55 -21.24
C6 BMA G . -41.68 3.64 -21.50
O2 BMA G . -45.07 4.66 -18.42
O3 BMA G . -45.95 6.05 -20.62
O4 BMA G . -43.74 5.59 -22.40
O5 BMA G . -43.36 2.87 -20.00
O6 BMA G . -41.46 4.62 -22.51
C1 NAG H . -57.15 -25.22 -8.37
C2 NAG H . -58.23 -25.29 -7.31
C3 NAG H . -57.87 -26.35 -6.26
C4 NAG H . -57.56 -27.69 -6.92
C5 NAG H . -56.59 -27.52 -8.09
C6 NAG H . -56.44 -28.78 -8.91
C7 NAG H . -59.36 -23.13 -7.04
C8 NAG H . -59.41 -21.83 -6.29
N2 NAG H . -58.42 -23.99 -6.67
O3 NAG H . -58.93 -26.48 -5.34
O4 NAG H . -56.98 -28.54 -5.95
O5 NAG H . -57.03 -26.50 -8.99
O6 NAG H . -57.69 -29.24 -9.41
O7 NAG H . -60.15 -23.37 -7.95
C1 NAG H . -57.68 -29.78 -5.77
C2 NAG H . -57.03 -30.53 -4.61
C3 NAG H . -57.70 -31.89 -4.42
C4 NAG H . -59.21 -31.73 -4.27
C5 NAG H . -59.77 -30.90 -5.43
C6 NAG H . -61.24 -30.58 -5.27
C7 NAG H . -54.68 -30.29 -3.93
C8 NAG H . -53.26 -30.54 -4.31
N2 NAG H . -55.60 -30.68 -4.83
O3 NAG H . -57.16 -32.52 -3.27
O4 NAG H . -59.84 -33.01 -4.29
O5 NAG H . -59.08 -29.64 -5.52
O6 NAG H . -61.93 -30.69 -6.51
O7 NAG H . -55.00 -29.77 -2.87
C1 BMA H . -60.14 -33.47 -2.95
C2 BMA H . -61.06 -34.70 -3.07
C3 BMA H . -61.25 -35.41 -1.72
C4 BMA H . -59.94 -35.52 -0.93
C5 BMA H . -59.23 -34.16 -0.86
C6 BMA H . -57.90 -34.22 -0.12
O2 BMA H . -60.52 -35.66 -3.97
O3 BMA H . -61.79 -36.72 -1.91
O4 BMA H . -60.20 -35.98 0.39
O5 BMA H . -58.98 -33.72 -2.19
O6 BMA H . -56.94 -34.82 -0.99
C1 MAN H . -63.14 -36.77 -1.41
C2 MAN H . -63.60 -38.23 -1.30
C3 MAN H . -63.94 -38.78 -2.69
C4 MAN H . -64.93 -37.85 -3.40
C5 MAN H . -64.32 -36.43 -3.48
C6 MAN H . -65.26 -35.42 -4.12
O2 MAN H . -64.80 -38.35 -0.54
O3 MAN H . -64.48 -40.09 -2.61
O4 MAN H . -65.19 -38.33 -4.70
O5 MAN H . -64.03 -35.96 -2.14
O6 MAN H . -64.78 -34.12 -3.79
C1 MAN H . -55.95 -35.51 -0.21
C2 MAN H . -54.58 -34.79 -0.36
C3 MAN H . -53.47 -35.50 0.43
C4 MAN H . -53.86 -36.94 0.79
C5 MAN H . -54.62 -37.56 -0.38
C6 MAN H . -54.86 -39.04 -0.23
O2 MAN H . -54.63 -33.46 0.16
O3 MAN H . -53.09 -34.76 1.59
O4 MAN H . -52.70 -37.71 1.07
O5 MAN H . -55.91 -36.90 -0.49
O6 MAN H . -55.52 -39.51 -1.41
C1 FUC H . -57.76 -28.98 -10.82
C2 FUC H . -59.06 -28.19 -11.12
C3 FUC H . -60.33 -29.08 -11.05
C4 FUC H . -60.02 -30.58 -11.29
C5 FUC H . -58.80 -30.71 -12.21
C6 FUC H . -58.46 -32.16 -12.54
O2 FUC H . -59.00 -27.49 -12.37
O3 FUC H . -60.95 -28.97 -9.78
O4 FUC H . -59.79 -31.25 -10.06
O5 FUC H . -57.61 -30.14 -11.62
S SO4 I . 40.35 -15.95 27.71
O1 SO4 I . 39.30 -16.77 27.12
O2 SO4 I . 41.61 -16.17 26.99
O3 SO4 I . 40.54 -16.31 29.11
O4 SO4 I . 39.99 -14.54 27.62
S SO4 J . -25.22 -4.46 18.87
O1 SO4 J . -24.30 -5.13 19.79
O2 SO4 J . -24.86 -4.78 17.50
O3 SO4 J . -26.59 -4.91 19.14
O4 SO4 J . -25.12 -3.01 19.07
S SO4 K . -5.99 4.60 21.93
O1 SO4 K . -5.96 3.19 22.31
O2 SO4 K . -5.89 4.73 20.48
O3 SO4 K . -7.25 5.19 22.38
O4 SO4 K . -4.88 5.29 22.56
S SO4 L . 57.14 -31.67 14.66
O1 SO4 L . 57.44 -32.69 15.65
O2 SO4 L . 57.54 -32.14 13.33
O3 SO4 L . 55.71 -31.38 14.66
O4 SO4 L . 57.89 -30.44 14.98
S SO4 M . -31.80 -1.26 17.42
O1 SO4 M . -31.85 -2.09 18.62
O2 SO4 M . -30.74 -1.72 16.55
O3 SO4 M . -33.08 -1.34 16.73
O4 SO4 M . -31.55 0.13 17.81
S SO4 N . -28.78 -25.37 20.32
O1 SO4 N . -28.31 -26.61 20.91
O2 SO4 N . -27.80 -24.88 19.35
O3 SO4 N . -28.98 -24.38 21.37
O4 SO4 N . -30.06 -25.60 19.63
S SO4 O . 49.48 -16.93 23.97
O1 SO4 O . 50.32 -18.11 23.94
O2 SO4 O . 48.74 -16.81 22.72
O3 SO4 O . 48.53 -17.02 25.07
O4 SO4 O . 50.31 -15.74 24.14
S SO4 P . -36.40 -0.74 8.98
O1 SO4 P . -36.21 -2.10 9.48
O2 SO4 P . -36.55 -0.76 7.54
O3 SO4 P . -37.61 -0.19 9.60
O4 SO4 P . -35.25 0.08 9.35
S SO4 Q . -17.03 -18.37 3.63
O1 SO4 Q . -16.39 -18.65 4.91
O2 SO4 Q . -17.02 -19.59 2.82
O3 SO4 Q . -16.26 -17.33 2.93
O4 SO4 Q . -18.39 -17.92 3.83
C1 GOL R . 37.73 -18.15 8.87
O1 GOL R . 37.32 -18.81 10.04
C2 GOL R . 38.43 -16.83 9.21
O2 GOL R . 39.66 -17.08 9.86
C3 GOL R . 38.68 -16.05 7.93
O3 GOL R . 39.28 -14.81 8.26
C1 GOL S . 58.29 -10.48 -12.52
O1 GOL S . 57.19 -10.95 -13.27
C2 GOL S . 57.93 -10.48 -11.03
O2 GOL S . 56.77 -11.27 -10.81
C3 GOL S . 59.10 -11.06 -10.24
O3 GOL S . 58.73 -11.20 -8.89
C1 GOL T . -21.65 -0.58 21.40
O1 GOL T . -22.08 -0.25 20.11
C2 GOL T . -22.73 -1.39 22.11
O2 GOL T . -23.41 -2.19 21.17
C3 GOL T . -22.09 -2.28 23.16
O3 GOL T . -23.09 -2.90 23.93
C1 GOL U . -52.04 -10.29 16.80
O1 GOL U . -52.82 -11.45 17.04
C2 GOL U . -50.61 -10.52 17.26
O2 GOL U . -49.76 -10.59 16.14
C3 GOL U . -50.17 -9.38 18.18
O3 GOL U . -48.77 -9.37 18.29
C1 GOL V . -39.09 -13.49 4.00
O1 GOL V . -39.37 -12.39 3.15
C2 GOL V . -39.85 -14.72 3.52
O2 GOL V . -40.12 -14.62 2.13
C3 GOL V . -39.03 -15.97 3.79
O3 GOL V . -39.69 -17.11 3.29
S SO4 W . -47.63 -8.88 27.21
O1 SO4 W . -46.65 -9.78 27.81
O2 SO4 W . -47.91 -9.32 25.84
O3 SO4 W . -48.86 -8.90 27.99
O4 SO4 W . -47.10 -7.52 27.17
S SO4 X . -38.59 -28.32 31.46
O1 SO4 X . -39.42 -29.50 31.71
O2 SO4 X . -38.34 -28.20 30.03
O3 SO4 X . -39.30 -27.14 31.93
O4 SO4 X . -37.33 -28.45 32.18
C1 GOL Y . -27.10 -28.72 6.37
O1 GOL Y . -27.21 -28.72 7.77
C2 GOL Y . -27.17 -27.30 5.84
O2 GOL Y . -26.07 -27.05 4.99
C3 GOL Y . -28.47 -27.11 5.07
O3 GOL Y . -28.46 -25.85 4.43
C1 GOL Z . -46.16 -15.25 32.20
O1 GOL Z . -46.09 -16.08 33.35
C2 GOL Z . -45.89 -16.08 30.95
O2 GOL Z . -47.02 -16.03 30.10
C3 GOL Z . -44.67 -15.53 30.21
O3 GOL Z . -44.56 -16.14 28.95
S SO4 AA . -18.26 -14.53 -14.21
O1 SO4 AA . -17.53 -15.70 -14.68
O2 SO4 AA . -19.67 -14.67 -14.54
O3 SO4 AA . -18.11 -14.42 -12.76
O4 SO4 AA . -17.73 -13.31 -14.83
S SO4 BA . 20.66 38.59 -30.72
O1 SO4 BA . 20.56 37.13 -30.78
O2 SO4 BA . 20.56 39.13 -32.07
O3 SO4 BA . 21.94 38.97 -30.14
O4 SO4 BA . 19.56 39.11 -29.91
S SO4 CA . -41.28 -27.17 -15.01
O1 SO4 CA . -42.35 -28.16 -14.97
O2 SO4 CA . -40.18 -27.65 -15.85
O3 SO4 CA . -41.79 -25.91 -15.56
O4 SO4 CA . -40.79 -26.94 -13.65
S SO4 DA . 0.90 -6.50 -17.53
O1 SO4 DA . 0.04 -7.63 -17.90
O2 SO4 DA . 1.96 -6.35 -18.53
O3 SO4 DA . 0.11 -5.28 -17.48
O4 SO4 DA . 1.50 -6.76 -16.23
S SO4 EA . 0.19 -0.46 -3.21
O1 SO4 EA . 0.28 -1.77 -2.57
O2 SO4 EA . 0.21 -0.63 -4.66
O3 SO4 EA . -1.05 0.20 -2.82
O4 SO4 EA . 1.33 0.36 -2.81
S SO4 FA . -21.66 -19.01 -5.80
O1 SO4 FA . -22.31 -20.08 -5.06
O2 SO4 FA . -21.59 -19.35 -7.21
O3 SO4 FA . -22.41 -17.77 -5.63
O4 SO4 FA . -20.30 -18.82 -5.28
S SO4 GA . -36.32 -26.11 -25.35
O1 SO4 GA . -35.12 -26.48 -24.61
O2 SO4 GA . -36.38 -26.88 -26.60
O3 SO4 GA . -37.50 -26.42 -24.55
O4 SO4 GA . -36.30 -24.68 -25.66
S SO4 HA . -23.77 -1.61 -0.66
O1 SO4 HA . -22.88 -1.77 0.50
O2 SO4 HA . -23.95 -2.90 -1.32
O3 SO4 HA . -25.06 -1.11 -0.22
O4 SO4 HA . -23.17 -0.66 -1.60
S SO4 IA . -25.28 -24.80 -5.47
O1 SO4 IA . -23.90 -25.26 -5.61
O2 SO4 IA . -26.05 -25.80 -4.75
O3 SO4 IA . -25.86 -24.62 -6.80
O4 SO4 IA . -25.31 -23.54 -4.75
S SO4 JA . 27.25 45.72 -27.60
O1 SO4 JA . 27.49 44.61 -26.68
O2 SO4 JA . 27.77 45.38 -28.92
O3 SO4 JA . 25.81 45.99 -27.69
O4 SO4 JA . 27.93 46.91 -27.11
S SO4 KA . 22.65 62.38 -20.53
O1 SO4 KA . 22.69 60.94 -20.72
O2 SO4 KA . 22.49 63.03 -21.82
O3 SO4 KA . 21.54 62.73 -19.66
O4 SO4 KA . 23.91 62.83 -19.92
C1 GOL LA . 17.74 40.19 -13.97
O1 GOL LA . 17.70 41.08 -15.07
C2 GOL LA . 18.41 40.85 -12.76
O2 GOL LA . 17.59 40.68 -11.62
C3 GOL LA . 19.76 40.19 -12.52
O3 GOL LA . 20.27 40.57 -11.26
C1 GOL MA . 38.79 42.53 -11.61
O1 GOL MA . 38.96 43.47 -10.56
C2 GOL MA . 37.37 41.99 -11.59
O2 GOL MA . 36.76 42.21 -12.84
C3 GOL MA . 37.39 40.50 -11.27
O3 GOL MA . 36.09 39.98 -11.40
C1 GOL NA . -14.56 -13.52 -17.45
O1 GOL NA . -15.70 -13.39 -18.27
C2 GOL NA . -14.89 -14.41 -16.25
O2 GOL NA . -15.82 -15.39 -16.64
C3 GOL NA . -13.62 -15.07 -15.74
O3 GOL NA . -13.89 -15.76 -14.54
C1 GOL OA . -20.32 1.10 -18.99
O1 GOL OA . -19.90 0.42 -20.15
C2 GOL OA . -20.21 0.22 -17.73
O2 GOL OA . -19.42 0.82 -16.74
C3 GOL OA . -21.59 -0.14 -17.18
O3 GOL OA . -21.50 -0.87 -15.98
C1 GOL PA . 22.39 19.92 -7.06
O1 GOL PA . 23.38 19.63 -6.11
C2 GOL PA . 23.04 20.60 -8.27
O2 GOL PA . 24.20 19.89 -8.65
C3 GOL PA . 22.05 20.60 -9.43
O3 GOL PA . 22.71 21.09 -10.59
C1 GOL QA . -34.87 -23.75 -22.44
O1 GOL QA . -34.10 -23.79 -21.26
C2 GOL QA . -36.26 -23.20 -22.13
O2 GOL QA . -36.66 -22.31 -23.15
C3 GOL QA . -37.26 -24.34 -22.02
O3 GOL QA . -38.57 -23.83 -21.94
S SO4 RA . -37.48 0.95 -2.06
O1 SO4 RA . -37.76 -0.34 -1.47
O2 SO4 RA . -36.44 0.83 -3.08
O3 SO4 RA . -38.69 1.49 -2.68
O4 SO4 RA . -37.02 1.89 -1.03
#